data_8K4C
#
_entry.id   8K4C
#
_cell.length_a   57.691
_cell.length_b   79.863
_cell.length_c   162.862
_cell.angle_alpha   90.00
_cell.angle_beta   90.00
_cell.angle_gamma   90.00
#
_symmetry.space_group_name_H-M   'P 21 21 21'
#
loop_
_entity.id
_entity.type
_entity.pdbx_description
1 polymer "cAMP-specific 3',5'-cyclic phosphodiesterase 4D"
2 non-polymer 1-[(3,4-diethoxyphenyl)methyl]-6,7-diethoxy-isoquinoline
3 non-polymer 'MAGNESIUM ION'
4 non-polymer 'ZINC ION'
5 non-polymer 1,2-ETHANEDIOL
6 water water
#
_entity_poly.entity_id   1
_entity_poly.type   'polypeptide(L)'
_entity_poly.pdbx_seq_one_letter_code
;MGSSHHHHHHSSGLVPRGSHMTEQEDVLAKELEDVNKWGLHVFRIAELSGNRPLTVIMHTIFQERDLLKTFKIPVDTLIT
YLMTLEDHYHADVAYHNNIHAADVVQSTHVLLSTPALEAVFTDLEILAAIFASAIHDVDHPGVSNQFLINTNSELALMYN
DSSVLENHHLAVGFKLLQEENCDIFQNLTKKQRQSLRKMVIDIVLATDMSKHMNLLADLKTMVETKKVTSSGVLLLDNYS
DRIQVLQNMVHCADLSNPTKPLQLYRQWTDRIMEEFFRQGDRERERGMEISPMCDKHNASVEKSQVGFIDYIVHPLWETW
ADLVHPDAQDILDTLEDNREWYQSTIPQS
;
_entity_poly.pdbx_strand_id   A,B
#
loop_
_chem_comp.id
_chem_comp.type
_chem_comp.name
_chem_comp.formula
EDO non-polymer 1,2-ETHANEDIOL 'C2 H6 O2'
MG non-polymer 'MAGNESIUM ION' 'Mg 2'
VIC non-polymer 1-[(3,4-diethoxyphenyl)methyl]-6,7-diethoxy-isoquinoline 'C24 H29 N O4'
ZN non-polymer 'ZINC ION' 'Zn 2'
#
# COMPACT_ATOMS: atom_id res chain seq x y z
N THR A 22 -9.26 35.17 -31.98
CA THR A 22 -8.32 34.74 -30.95
C THR A 22 -8.47 35.57 -29.69
N GLU A 23 -9.55 36.36 -29.63
CA GLU A 23 -9.80 37.18 -28.44
C GLU A 23 -9.99 36.32 -27.20
N GLN A 24 -10.44 35.08 -27.37
CA GLN A 24 -10.56 34.19 -26.22
C GLN A 24 -9.20 33.74 -25.69
N GLU A 25 -8.18 33.76 -26.54
CA GLU A 25 -6.84 33.43 -26.07
C GLU A 25 -6.23 34.57 -25.27
N ASP A 26 -6.57 35.81 -25.62
CA ASP A 26 -6.03 36.95 -24.89
C ASP A 26 -6.67 37.10 -23.51
N VAL A 27 -7.96 36.77 -23.36
CA VAL A 27 -8.58 36.78 -22.04
C VAL A 27 -7.99 35.69 -21.17
N LEU A 28 -7.67 34.54 -21.79
CA LEU A 28 -7.06 33.44 -21.04
C LEU A 28 -5.67 33.81 -20.56
N ALA A 29 -4.87 34.44 -21.42
CA ALA A 29 -3.53 34.87 -21.02
C ALA A 29 -3.59 35.92 -19.91
N LYS A 30 -4.63 36.76 -19.92
CA LYS A 30 -4.78 37.74 -18.85
C LYS A 30 -5.16 37.07 -17.54
N GLU A 31 -6.03 36.06 -17.59
CA GLU A 31 -6.41 35.34 -16.38
C GLU A 31 -5.25 34.52 -15.84
N LEU A 32 -4.40 34.00 -16.71
CA LEU A 32 -3.24 33.21 -16.28
C LEU A 32 -2.19 34.06 -15.57
N GLU A 33 -2.32 35.39 -15.61
CA GLU A 33 -1.41 36.26 -14.85
C GLU A 33 -1.66 36.20 -13.35
N ASP A 34 -2.77 35.60 -12.91
CA ASP A 34 -3.10 35.48 -11.50
C ASP A 34 -2.75 34.11 -10.93
N VAL A 35 -1.98 33.30 -11.66
CA VAL A 35 -1.67 31.95 -11.21
C VAL A 35 -0.81 31.95 -9.95
N ASN A 36 -0.12 33.06 -9.66
CA ASN A 36 0.63 33.19 -8.42
C ASN A 36 -0.23 33.65 -7.25
N LYS A 37 -1.52 33.84 -7.45
CA LYS A 37 -2.39 34.46 -6.47
C LYS A 37 -3.43 33.47 -5.95
N TRP A 38 -3.65 33.51 -4.64
CA TRP A 38 -4.72 32.73 -4.03
C TRP A 38 -6.07 33.26 -4.50
N GLY A 39 -6.93 32.35 -4.94
CA GLY A 39 -8.22 32.75 -5.46
C GLY A 39 -8.26 32.91 -6.96
N LEU A 40 -7.43 32.19 -7.70
CA LEU A 40 -7.44 32.25 -9.15
C LEU A 40 -8.79 31.83 -9.70
N HIS A 41 -9.24 32.52 -10.74
CA HIS A 41 -10.49 32.17 -11.41
C HIS A 41 -10.33 30.87 -12.18
N VAL A 42 -10.25 29.75 -11.46
CA VAL A 42 -9.93 28.47 -12.11
C VAL A 42 -11.08 27.98 -12.96
N PHE A 43 -12.32 28.34 -12.60
CA PHE A 43 -13.46 27.91 -13.40
C PHE A 43 -13.54 28.67 -14.72
N ARG A 44 -13.15 29.95 -14.72
CA ARG A 44 -13.09 30.70 -15.97
C ARG A 44 -11.96 30.20 -16.85
N ILE A 45 -10.80 29.94 -16.26
CA ILE A 45 -9.66 29.42 -17.02
C ILE A 45 -10.03 28.10 -17.69
N ALA A 46 -10.80 27.27 -16.98
CA ALA A 46 -11.28 26.03 -17.59
C ALA A 46 -12.14 26.31 -18.82
N GLU A 47 -12.98 27.35 -18.74
CA GLU A 47 -13.83 27.71 -19.87
C GLU A 47 -13.01 28.35 -20.99
N LEU A 48 -12.13 29.30 -20.64
CA LEU A 48 -11.38 30.03 -21.67
C LEU A 48 -10.38 29.13 -22.38
N SER A 49 -9.90 28.08 -21.73
CA SER A 49 -8.93 27.16 -22.32
C SER A 49 -9.59 25.96 -23.00
N GLY A 50 -10.92 25.97 -23.14
CA GLY A 50 -11.62 24.86 -23.77
C GLY A 50 -11.54 23.59 -22.96
N ASN A 51 -11.95 23.67 -21.69
CA ASN A 51 -11.91 22.54 -20.76
C ASN A 51 -10.51 21.95 -20.65
N ARG A 52 -9.50 22.82 -20.60
CA ARG A 52 -8.11 22.39 -20.39
C ARG A 52 -7.45 23.22 -19.28
N PRO A 53 -8.03 23.29 -18.09
CA PRO A 53 -7.37 24.06 -17.01
C PRO A 53 -6.09 23.41 -16.54
N LEU A 54 -6.06 22.08 -16.42
CA LEU A 54 -4.87 21.41 -15.91
C LEU A 54 -3.69 21.62 -16.84
N THR A 55 -3.93 21.60 -18.16
CA THR A 55 -2.83 21.74 -19.11
C THR A 55 -2.26 23.15 -19.09
N VAL A 56 -3.12 24.17 -19.21
CA VAL A 56 -2.62 25.53 -19.32
C VAL A 56 -2.04 26.02 -18.00
N ILE A 57 -2.61 25.60 -16.87
CA ILE A 57 -2.09 26.04 -15.58
C ILE A 57 -0.76 25.38 -15.28
N MET A 58 -0.64 24.07 -15.55
CA MET A 58 0.63 23.40 -15.38
C MET A 58 1.70 23.96 -16.31
N HIS A 59 1.32 24.23 -17.56
CA HIS A 59 2.26 24.82 -18.51
C HIS A 59 2.71 26.20 -18.04
N THR A 60 1.79 27.01 -17.53
CA THR A 60 2.14 28.33 -17.03
C THR A 60 3.07 28.24 -15.83
N ILE A 61 2.79 27.31 -14.91
CA ILE A 61 3.61 27.18 -13.71
C ILE A 61 5.00 26.67 -14.06
N PHE A 62 5.09 25.72 -15.01
CA PHE A 62 6.39 25.21 -15.41
C PHE A 62 7.25 26.30 -16.05
N GLN A 63 6.63 27.19 -16.82
CA GLN A 63 7.35 28.33 -17.38
C GLN A 63 7.74 29.32 -16.28
N GLU A 64 6.83 29.55 -15.33
CA GLU A 64 7.09 30.51 -14.25
C GLU A 64 8.27 30.08 -13.40
N ARG A 65 8.38 28.78 -13.12
CA ARG A 65 9.47 28.24 -12.31
C ARG A 65 10.65 27.78 -13.14
N ASP A 66 10.63 28.03 -14.46
CA ASP A 66 11.72 27.64 -15.36
C ASP A 66 12.02 26.14 -15.27
N LEU A 67 10.96 25.33 -15.16
CA LEU A 67 11.14 23.90 -15.01
C LEU A 67 11.48 23.22 -16.33
N LEU A 68 11.04 23.77 -17.45
CA LEU A 68 11.35 23.18 -18.75
C LEU A 68 12.84 23.24 -19.04
N LYS A 69 13.49 24.36 -18.69
CA LYS A 69 14.91 24.49 -18.93
C LYS A 69 15.75 23.78 -17.87
N THR A 70 15.27 23.74 -16.63
CA THR A 70 16.04 23.11 -15.55
C THR A 70 16.15 21.61 -15.77
N PHE A 71 15.06 20.96 -16.17
CA PHE A 71 15.03 19.51 -16.34
C PHE A 71 14.98 19.10 -17.81
N LYS A 72 15.28 20.02 -18.72
CA LYS A 72 15.36 19.73 -20.15
C LYS A 72 14.08 19.07 -20.68
N ILE A 73 12.95 19.59 -20.23
CA ILE A 73 11.64 19.06 -20.64
C ILE A 73 11.26 19.65 -21.99
N PRO A 74 11.10 18.84 -23.03
CA PRO A 74 10.60 19.37 -24.31
C PRO A 74 9.18 19.90 -24.16
N VAL A 75 8.94 21.06 -24.77
CA VAL A 75 7.64 21.70 -24.64
C VAL A 75 6.54 20.84 -25.26
N ASP A 76 6.84 20.21 -26.40
CA ASP A 76 5.86 19.34 -27.03
C ASP A 76 5.57 18.10 -26.19
N THR A 77 6.60 17.58 -25.52
CA THR A 77 6.40 16.42 -24.64
C THR A 77 5.57 16.81 -23.42
N LEU A 78 5.81 17.99 -22.85
CA LEU A 78 5.05 18.42 -21.68
C LEU A 78 3.59 18.60 -22.03
N ILE A 79 3.30 19.26 -23.15
CA ILE A 79 1.91 19.50 -23.54
C ILE A 79 1.22 18.17 -23.86
N THR A 80 1.94 17.24 -24.48
CA THR A 80 1.35 15.95 -24.84
C THR A 80 0.96 15.16 -23.60
N TYR A 81 1.83 15.12 -22.60
CA TYR A 81 1.49 14.40 -21.37
C TYR A 81 0.37 15.10 -20.60
N LEU A 82 0.42 16.42 -20.52
CA LEU A 82 -0.60 17.16 -19.78
C LEU A 82 -1.99 16.93 -20.37
N MET A 83 -2.09 16.93 -21.70
CA MET A 83 -3.37 16.65 -22.34
C MET A 83 -3.81 15.22 -22.10
N THR A 84 -2.86 14.27 -22.16
CA THR A 84 -3.20 12.87 -21.88
C THR A 84 -3.61 12.68 -20.44
N LEU A 85 -2.88 13.29 -19.50
CA LEU A 85 -3.25 13.20 -18.09
C LEU A 85 -4.60 13.85 -17.83
N GLU A 86 -4.85 15.02 -18.44
CA GLU A 86 -6.14 15.67 -18.28
C GLU A 86 -7.27 14.83 -18.86
N ASP A 87 -6.99 14.12 -19.96
CA ASP A 87 -8.02 13.28 -20.57
C ASP A 87 -8.51 12.20 -19.63
N HIS A 88 -7.63 11.69 -18.77
CA HIS A 88 -7.98 10.59 -17.87
C HIS A 88 -8.65 11.05 -16.59
N TYR A 89 -8.87 12.34 -16.42
CA TYR A 89 -9.79 12.82 -15.40
C TYR A 89 -11.21 12.75 -15.97
N HIS A 90 -12.13 12.22 -15.17
CA HIS A 90 -13.49 12.01 -15.65
C HIS A 90 -14.21 13.35 -15.79
N ALA A 91 -14.71 13.64 -16.98
CA ALA A 91 -15.44 14.88 -17.20
C ALA A 91 -16.86 14.84 -16.66
N ASP A 92 -17.38 13.65 -16.38
CA ASP A 92 -18.75 13.49 -15.90
C ASP A 92 -18.83 13.37 -14.38
N VAL A 93 -17.75 13.66 -13.66
CA VAL A 93 -17.77 13.73 -12.20
C VAL A 93 -17.72 15.20 -11.80
N ALA A 94 -18.52 15.56 -10.79
CA ALA A 94 -18.75 16.97 -10.50
C ALA A 94 -17.55 17.61 -9.81
N TYR A 95 -16.90 16.88 -8.90
CA TYR A 95 -15.83 17.46 -8.09
C TYR A 95 -14.45 16.94 -8.51
N HIS A 96 -14.21 15.63 -8.39
CA HIS A 96 -12.89 15.06 -8.61
C HIS A 96 -12.58 14.96 -10.11
N ASN A 97 -12.53 16.12 -10.76
CA ASN A 97 -12.28 16.21 -12.19
C ASN A 97 -11.00 17.01 -12.43
N ASN A 98 -10.76 17.35 -13.71
CA ASN A 98 -9.55 18.08 -14.09
C ASN A 98 -9.51 19.48 -13.53
N ILE A 99 -10.67 20.07 -13.22
CA ILE A 99 -10.68 21.40 -12.59
C ILE A 99 -10.13 21.31 -11.18
N HIS A 100 -10.52 20.28 -10.42
CA HIS A 100 -9.98 20.08 -9.09
C HIS A 100 -8.49 19.85 -9.12
N ALA A 101 -8.01 19.09 -10.12
CA ALA A 101 -6.58 18.85 -10.25
C ALA A 101 -5.83 20.15 -10.53
N ALA A 102 -6.34 20.96 -11.46
CA ALA A 102 -5.71 22.24 -11.75
C ALA A 102 -5.75 23.16 -10.53
N ASP A 103 -6.84 23.09 -9.76
CA ASP A 103 -6.95 23.92 -8.56
C ASP A 103 -5.93 23.51 -7.51
N VAL A 104 -5.73 22.20 -7.32
CA VAL A 104 -4.75 21.73 -6.35
C VAL A 104 -3.33 22.06 -6.82
N VAL A 105 -3.08 21.96 -8.13
CA VAL A 105 -1.77 22.29 -8.67
C VAL A 105 -1.45 23.77 -8.41
N GLN A 106 -2.37 24.65 -8.77
CA GLN A 106 -2.14 26.08 -8.56
C GLN A 106 -2.08 26.42 -7.08
N SER A 107 -2.88 25.74 -6.26
CA SER A 107 -2.75 26.13 -4.85
C SER A 107 -1.47 25.58 -4.25
N THR A 108 -0.95 24.42 -4.65
CA THR A 108 0.37 23.99 -4.21
C THR A 108 1.45 24.95 -4.72
N HIS A 109 1.26 25.48 -5.92
CA HIS A 109 2.24 26.42 -6.48
C HIS A 109 2.35 27.68 -5.63
N VAL A 110 1.21 28.19 -5.16
CA VAL A 110 1.24 29.37 -4.30
C VAL A 110 1.86 29.05 -2.94
N LEU A 111 1.52 27.88 -2.38
CA LEU A 111 2.06 27.50 -1.08
C LEU A 111 3.57 27.26 -1.15
N LEU A 112 4.08 26.83 -2.31
CA LEU A 112 5.52 26.63 -2.45
C LEU A 112 6.26 27.96 -2.44
N SER A 113 5.63 29.04 -2.91
CA SER A 113 6.25 30.35 -3.02
C SER A 113 6.17 31.14 -1.71
N THR A 114 5.72 30.53 -0.62
CA THR A 114 5.57 31.25 0.63
C THR A 114 6.94 31.69 1.16
N PRO A 115 7.01 32.85 1.81
CA PRO A 115 8.32 33.36 2.26
C PRO A 115 9.03 32.44 3.24
N ALA A 116 8.30 31.77 4.12
CA ALA A 116 8.92 30.90 5.11
C ALA A 116 9.55 29.65 4.49
N LEU A 117 9.37 29.43 3.18
CA LEU A 117 9.93 28.27 2.50
C LEU A 117 10.81 28.66 1.33
N GLU A 118 11.33 29.89 1.33
CA GLU A 118 12.15 30.37 0.22
C GLU A 118 13.46 29.60 0.18
N ALA A 119 13.75 29.01 -0.99
CA ALA A 119 14.99 28.26 -1.22
C ALA A 119 15.16 27.10 -0.25
N VAL A 120 14.05 26.58 0.28
CA VAL A 120 14.11 25.44 1.19
C VAL A 120 14.07 24.13 0.43
N PHE A 121 13.26 24.04 -0.62
CA PHE A 121 13.11 22.83 -1.40
C PHE A 121 13.88 22.93 -2.70
N THR A 122 14.46 21.81 -3.12
CA THR A 122 15.20 21.77 -4.37
C THR A 122 14.24 21.82 -5.56
N ASP A 123 14.83 21.96 -6.76
CA ASP A 123 14.02 21.95 -7.98
C ASP A 123 13.36 20.60 -8.20
N LEU A 124 13.99 19.52 -7.74
CA LEU A 124 13.40 18.20 -7.88
C LEU A 124 12.22 18.02 -6.92
N GLU A 125 12.33 18.57 -5.70
CA GLU A 125 11.23 18.49 -4.75
C GLU A 125 10.07 19.38 -5.19
N ILE A 126 10.38 20.55 -5.75
CA ILE A 126 9.33 21.40 -6.30
C ILE A 126 8.64 20.71 -7.47
N LEU A 127 9.43 20.07 -8.34
CA LEU A 127 8.85 19.34 -9.46
C LEU A 127 7.99 18.17 -8.97
N ALA A 128 8.41 17.51 -7.90
CA ALA A 128 7.65 16.37 -7.39
C ALA A 128 6.32 16.82 -6.82
N ALA A 129 6.32 17.89 -6.03
CA ALA A 129 5.08 18.34 -5.39
C ALA A 129 4.07 18.82 -6.42
N ILE A 130 4.54 19.52 -7.46
CA ILE A 130 3.62 20.01 -8.49
C ILE A 130 3.13 18.84 -9.35
N PHE A 131 4.02 17.92 -9.72
CA PHE A 131 3.60 16.75 -10.49
C PHE A 131 2.63 15.89 -9.70
N ALA A 132 2.90 15.70 -8.40
CA ALA A 132 1.99 14.93 -7.56
C ALA A 132 0.62 15.57 -7.49
N SER A 133 0.57 16.91 -7.43
CA SER A 133 -0.71 17.60 -7.41
C SER A 133 -1.50 17.36 -8.69
N ALA A 134 -0.80 17.22 -9.83
CA ALA A 134 -1.50 17.08 -11.10
C ALA A 134 -2.15 15.70 -11.24
N ILE A 135 -1.48 14.66 -10.74
CA ILE A 135 -1.96 13.29 -10.88
C ILE A 135 -2.70 12.78 -9.65
N HIS A 136 -2.84 13.61 -8.62
CA HIS A 136 -3.24 13.11 -7.31
C HIS A 136 -4.66 12.52 -7.29
N ASP A 137 -5.47 12.81 -8.31
CA ASP A 137 -6.84 12.31 -8.35
C ASP A 137 -7.22 11.77 -9.73
N VAL A 138 -6.23 11.42 -10.56
CA VAL A 138 -6.52 11.03 -11.93
C VAL A 138 -7.33 9.74 -11.93
N ASP A 139 -8.28 9.65 -12.87
CA ASP A 139 -9.18 8.51 -13.02
C ASP A 139 -10.04 8.30 -11.78
N HIS A 140 -10.38 9.38 -11.09
CA HIS A 140 -11.29 9.28 -9.95
C HIS A 140 -12.70 9.00 -10.46
N PRO A 141 -13.35 7.91 -10.03
CA PRO A 141 -14.68 7.59 -10.53
C PRO A 141 -15.81 8.37 -9.87
N GLY A 142 -15.52 9.16 -8.84
CA GLY A 142 -16.53 9.94 -8.17
C GLY A 142 -17.14 9.28 -6.95
N VAL A 143 -16.54 8.21 -6.44
CA VAL A 143 -17.01 7.55 -5.23
C VAL A 143 -15.83 7.36 -4.29
N SER A 144 -16.15 7.19 -3.01
CA SER A 144 -15.14 7.15 -1.97
C SER A 144 -14.46 5.79 -1.91
N ASN A 145 -13.39 5.72 -1.12
CA ASN A 145 -12.69 4.45 -0.89
C ASN A 145 -13.62 3.43 -0.22
N GLN A 146 -14.40 3.88 0.76
CA GLN A 146 -15.28 2.96 1.47
C GLN A 146 -16.36 2.39 0.55
N PHE A 147 -16.87 3.21 -0.38
CA PHE A 147 -17.83 2.72 -1.35
C PHE A 147 -17.21 1.65 -2.23
N LEU A 148 -15.99 1.89 -2.71
CA LEU A 148 -15.31 0.89 -3.54
C LEU A 148 -15.00 -0.37 -2.74
N ILE A 149 -14.75 -0.24 -1.44
CA ILE A 149 -14.50 -1.41 -0.61
C ILE A 149 -15.79 -2.17 -0.35
N ASN A 150 -16.85 -1.46 0.04
CA ASN A 150 -18.10 -2.10 0.39
C ASN A 150 -18.80 -2.73 -0.81
N THR A 151 -18.53 -2.24 -2.02
CA THR A 151 -19.15 -2.78 -3.22
C THR A 151 -18.31 -3.87 -3.88
N ASN A 152 -17.21 -4.28 -3.24
CA ASN A 152 -16.34 -5.34 -3.76
C ASN A 152 -15.83 -4.99 -5.16
N SER A 153 -15.42 -3.74 -5.35
CA SER A 153 -14.98 -3.28 -6.66
C SER A 153 -13.67 -3.96 -7.05
N GLU A 154 -13.38 -3.92 -8.36
CA GLU A 154 -12.12 -4.46 -8.85
C GLU A 154 -10.94 -3.65 -8.34
N LEU A 155 -11.12 -2.34 -8.15
CA LEU A 155 -10.04 -1.51 -7.61
C LEU A 155 -9.73 -1.89 -6.16
N ALA A 156 -10.78 -2.10 -5.35
CA ALA A 156 -10.56 -2.50 -3.96
C ALA A 156 -9.96 -3.90 -3.87
N LEU A 157 -10.33 -4.80 -4.78
CA LEU A 157 -9.70 -6.11 -4.84
C LEU A 157 -8.24 -6.00 -5.22
N MET A 158 -7.91 -5.10 -6.16
N MET A 158 -7.91 -5.10 -6.15
CA MET A 158 -6.54 -4.98 -6.62
CA MET A 158 -6.54 -4.98 -6.62
C MET A 158 -5.62 -4.45 -5.52
C MET A 158 -5.62 -4.45 -5.52
N TYR A 159 -6.08 -3.44 -4.78
CA TYR A 159 -5.25 -2.77 -3.79
C TYR A 159 -5.55 -3.19 -2.35
N ASN A 160 -6.36 -4.24 -2.16
CA ASN A 160 -6.56 -4.85 -0.85
C ASN A 160 -7.08 -3.84 0.18
N ASP A 161 -8.03 -3.00 -0.25
CA ASP A 161 -8.74 -2.05 0.60
C ASP A 161 -7.84 -1.01 1.25
N SER A 162 -6.60 -0.86 0.79
CA SER A 162 -5.63 0.05 1.39
C SER A 162 -5.33 1.18 0.41
N SER A 163 -5.81 2.38 0.73
CA SER A 163 -5.62 3.57 -0.10
C SER A 163 -5.92 3.26 -1.57
N VAL A 164 -7.13 2.73 -1.79
CA VAL A 164 -7.47 2.18 -3.11
C VAL A 164 -7.36 3.25 -4.19
N LEU A 165 -8.04 4.38 -3.99
CA LEU A 165 -8.02 5.44 -4.99
C LEU A 165 -6.63 6.03 -5.15
N GLU A 166 -5.97 6.34 -4.03
CA GLU A 166 -4.69 7.04 -4.09
C GLU A 166 -3.63 6.19 -4.78
N ASN A 167 -3.63 4.87 -4.53
CA ASN A 167 -2.73 3.99 -5.25
C ASN A 167 -3.07 3.96 -6.73
N HIS A 168 -4.37 3.98 -7.06
CA HIS A 168 -4.76 3.97 -8.47
C HIS A 168 -4.36 5.26 -9.17
N HIS A 169 -4.53 6.41 -8.49
CA HIS A 169 -4.12 7.68 -9.07
C HIS A 169 -2.64 7.67 -9.41
N LEU A 170 -1.81 7.11 -8.51
CA LEU A 170 -0.37 7.05 -8.76
C LEU A 170 -0.07 6.15 -9.95
N ALA A 171 -0.66 4.95 -9.98
CA ALA A 171 -0.36 4.00 -11.04
C ALA A 171 -0.73 4.57 -12.41
N VAL A 172 -1.85 5.28 -12.49
CA VAL A 172 -2.26 5.87 -13.77
C VAL A 172 -1.36 7.04 -14.13
N GLY A 173 -1.06 7.91 -13.15
CA GLY A 173 -0.23 9.07 -13.44
C GLY A 173 1.16 8.71 -13.93
N PHE A 174 1.74 7.65 -13.36
CA PHE A 174 3.05 7.19 -13.81
C PHE A 174 2.94 6.44 -15.14
N LYS A 175 1.90 5.63 -15.32
CA LYS A 175 1.77 4.82 -16.52
C LYS A 175 1.65 5.69 -17.76
N LEU A 176 0.95 6.82 -17.66
CA LEU A 176 0.76 7.69 -18.82
C LEU A 176 2.06 8.30 -19.32
N LEU A 177 3.09 8.34 -18.48
CA LEU A 177 4.40 8.81 -18.94
C LEU A 177 4.99 7.92 -20.02
N GLN A 178 4.54 6.66 -20.11
CA GLN A 178 5.06 5.72 -21.08
C GLN A 178 4.38 5.81 -22.43
N GLU A 179 3.32 6.61 -22.56
CA GLU A 179 2.68 6.79 -23.85
C GLU A 179 3.57 7.60 -24.78
N GLU A 180 3.18 7.64 -26.05
CA GLU A 180 4.02 8.25 -27.08
C GLU A 180 4.28 9.73 -26.79
N ASN A 181 5.55 10.10 -26.68
CA ASN A 181 5.98 11.47 -26.45
C ASN A 181 5.36 12.05 -25.17
N CYS A 182 5.35 11.25 -24.11
CA CYS A 182 4.74 11.59 -22.83
C CYS A 182 5.70 11.60 -21.66
N ASP A 183 6.93 11.07 -21.85
CA ASP A 183 7.89 11.00 -20.75
C ASP A 183 8.52 12.37 -20.55
N ILE A 184 7.88 13.19 -19.71
CA ILE A 184 8.40 14.50 -19.40
C ILE A 184 9.65 14.46 -18.52
N PHE A 185 9.97 13.29 -17.96
CA PHE A 185 11.16 13.10 -17.16
C PHE A 185 12.26 12.37 -17.92
N GLN A 186 12.26 12.47 -19.25
CA GLN A 186 13.17 11.67 -20.07
C GLN A 186 14.62 12.11 -19.91
N ASN A 187 14.85 13.38 -19.54
CA ASN A 187 16.21 13.91 -19.44
C ASN A 187 16.70 14.01 -18.01
N LEU A 188 15.92 13.51 -17.05
CA LEU A 188 16.40 13.41 -15.68
C LEU A 188 17.34 12.21 -15.54
N THR A 189 18.31 12.35 -14.64
CA THR A 189 19.15 11.20 -14.32
C THR A 189 18.33 10.14 -13.60
N LYS A 190 18.83 8.91 -13.63
CA LYS A 190 18.10 7.81 -12.98
C LYS A 190 18.00 8.02 -11.48
N LYS A 191 19.00 8.67 -10.87
CA LYS A 191 18.88 9.04 -9.47
C LYS A 191 17.82 10.11 -9.26
N GLN A 192 17.64 11.00 -10.24
CA GLN A 192 16.60 12.01 -10.14
C GLN A 192 15.21 11.39 -10.29
N ARG A 193 15.04 10.49 -11.26
CA ARG A 193 13.76 9.83 -11.45
C ARG A 193 13.42 8.95 -10.25
N GLN A 194 14.41 8.26 -9.69
CA GLN A 194 14.18 7.42 -8.52
C GLN A 194 13.74 8.26 -7.33
N SER A 195 14.44 9.37 -7.08
CA SER A 195 14.07 10.24 -5.97
C SER A 195 12.71 10.88 -6.19
N LEU A 196 12.43 11.33 -7.41
CA LEU A 196 11.15 11.96 -7.70
C LEU A 196 9.99 10.99 -7.56
N ARG A 197 10.17 9.75 -8.07
CA ARG A 197 9.10 8.77 -7.99
C ARG A 197 8.72 8.46 -6.55
N LYS A 198 9.72 8.29 -5.67
CA LYS A 198 9.43 8.01 -4.27
C LYS A 198 8.72 9.19 -3.61
N MET A 199 9.16 10.42 -3.91
CA MET A 199 8.53 11.59 -3.31
C MET A 199 7.09 11.75 -3.79
N VAL A 200 6.84 11.52 -5.07
CA VAL A 200 5.48 11.63 -5.60
C VAL A 200 4.57 10.58 -4.95
N ILE A 201 5.07 9.36 -4.79
CA ILE A 201 4.29 8.31 -4.16
C ILE A 201 3.98 8.68 -2.71
N ASP A 202 4.99 9.13 -1.97
CA ASP A 202 4.79 9.51 -0.57
C ASP A 202 3.77 10.64 -0.45
N ILE A 203 3.73 11.54 -1.43
CA ILE A 203 2.85 12.70 -1.34
C ILE A 203 1.41 12.32 -1.64
N VAL A 204 1.19 11.60 -2.75
CA VAL A 204 -0.17 11.27 -3.14
C VAL A 204 -0.82 10.33 -2.14
N LEU A 205 -0.05 9.38 -1.60
CA LEU A 205 -0.59 8.48 -0.59
C LEU A 205 -1.04 9.24 0.65
N ALA A 206 -0.45 10.41 0.92
CA ALA A 206 -0.84 11.22 2.05
C ALA A 206 -2.16 11.97 1.83
N THR A 207 -2.69 11.97 0.60
CA THR A 207 -3.98 12.59 0.34
C THR A 207 -5.16 11.70 0.76
N ASP A 208 -4.89 10.46 1.17
CA ASP A 208 -5.93 9.62 1.74
C ASP A 208 -6.46 10.25 3.02
N MET A 209 -7.76 10.56 3.05
CA MET A 209 -8.34 11.23 4.20
C MET A 209 -8.29 10.38 5.45
N SER A 210 -8.13 9.06 5.32
CA SER A 210 -7.98 8.20 6.50
C SER A 210 -6.65 8.42 7.21
N LYS A 211 -5.70 9.12 6.59
CA LYS A 211 -4.43 9.45 7.20
C LYS A 211 -4.37 10.91 7.65
N HIS A 212 -5.48 11.64 7.59
CA HIS A 212 -5.47 13.06 7.91
C HIS A 212 -5.13 13.30 9.37
N MET A 213 -5.72 12.52 10.28
CA MET A 213 -5.49 12.74 11.70
C MET A 213 -4.03 12.48 12.06
N ASN A 214 -3.44 11.42 11.52
CA ASN A 214 -2.04 11.13 11.80
C ASN A 214 -1.12 12.16 11.16
N LEU A 215 -1.45 12.60 9.94
CA LEU A 215 -0.62 13.61 9.27
C LEU A 215 -0.71 14.95 9.99
N LEU A 216 -1.89 15.32 10.47
CA LEU A 216 -2.02 16.56 11.24
C LEU A 216 -1.33 16.46 12.58
N ALA A 217 -1.36 15.28 13.21
CA ALA A 217 -0.66 15.10 14.48
C ALA A 217 0.84 15.31 14.31
N ASP A 218 1.41 14.79 13.23
CA ASP A 218 2.84 15.00 12.97
C ASP A 218 3.13 16.45 12.62
N LEU A 219 2.20 17.12 11.93
CA LEU A 219 2.41 18.53 11.60
C LEU A 219 2.39 19.40 12.84
N LYS A 220 1.52 19.07 13.81
CA LYS A 220 1.50 19.81 15.06
C LYS A 220 2.81 19.61 15.84
N THR A 221 3.35 18.40 15.81
CA THR A 221 4.63 18.14 16.48
C THR A 221 5.74 18.95 15.85
N MET A 222 5.74 19.07 14.52
CA MET A 222 6.76 19.87 13.84
C MET A 222 6.64 21.34 14.20
N VAL A 223 5.41 21.85 14.31
CA VAL A 223 5.21 23.25 14.65
C VAL A 223 5.72 23.53 16.06
N GLU A 224 5.43 22.63 17.00
CA GLU A 224 5.87 22.82 18.37
C GLU A 224 7.38 22.77 18.52
N THR A 225 8.08 22.11 17.59
CA THR A 225 9.52 21.93 17.68
C THR A 225 10.24 22.44 16.43
N LYS A 226 9.64 23.41 15.73
CA LYS A 226 10.21 23.88 14.48
C LYS A 226 11.46 24.72 14.74
N LYS A 227 12.42 24.59 13.82
CA LYS A 227 13.65 25.36 13.87
C LYS A 227 13.77 26.18 12.59
N VAL A 228 14.25 27.42 12.74
CA VAL A 228 14.43 28.31 11.60
C VAL A 228 15.91 28.56 11.39
N THR A 229 16.25 29.03 10.19
CA THR A 229 17.63 29.22 9.79
C THR A 229 18.07 30.65 10.08
N SER A 230 19.24 31.02 9.57
CA SER A 230 19.72 32.40 9.71
C SER A 230 18.84 33.37 8.92
N SER A 231 18.31 32.94 7.79
CA SER A 231 17.49 33.81 6.94
C SER A 231 16.05 33.91 7.41
N GLY A 232 15.63 33.07 8.34
CA GLY A 232 14.26 33.08 8.83
C GLY A 232 13.33 32.08 8.16
N VAL A 233 13.85 31.17 7.36
CA VAL A 233 13.04 30.16 6.71
C VAL A 233 13.12 28.87 7.54
N LEU A 234 12.25 27.92 7.21
CA LEU A 234 12.20 26.68 7.96
C LEU A 234 13.43 25.83 7.71
N LEU A 235 13.92 25.18 8.76
CA LEU A 235 15.08 24.29 8.69
C LEU A 235 14.58 22.86 8.55
N LEU A 236 14.83 22.25 7.39
CA LEU A 236 14.45 20.87 7.11
C LEU A 236 15.69 20.15 6.59
N ASP A 237 16.38 19.43 7.46
CA ASP A 237 17.66 18.81 7.14
C ASP A 237 17.59 17.30 7.03
N ASN A 238 16.40 16.74 6.77
CA ASN A 238 16.26 15.30 6.60
C ASN A 238 15.03 15.04 5.75
N TYR A 239 15.03 13.90 5.06
CA TYR A 239 13.94 13.58 4.14
C TYR A 239 12.61 13.46 4.88
N SER A 240 12.62 12.91 6.10
CA SER A 240 11.37 12.71 6.82
C SER A 240 10.68 14.05 7.10
N ASP A 241 11.44 15.08 7.46
CA ASP A 241 10.86 16.40 7.69
C ASP A 241 10.50 17.09 6.39
N ARG A 242 11.32 16.91 5.35
CA ARG A 242 11.05 17.57 4.07
C ARG A 242 9.81 16.98 3.40
N ILE A 243 9.71 15.65 3.37
CA ILE A 243 8.56 15.02 2.72
C ILE A 243 7.29 15.27 3.55
N GLN A 244 7.42 15.44 4.86
CA GLN A 244 6.25 15.70 5.70
C GLN A 244 5.65 17.07 5.38
N VAL A 245 6.51 18.06 5.14
CA VAL A 245 6.01 19.39 4.76
C VAL A 245 5.34 19.34 3.40
N LEU A 246 5.96 18.63 2.45
CA LEU A 246 5.37 18.51 1.12
C LEU A 246 4.07 17.72 1.14
N GLN A 247 3.99 16.70 2.01
CA GLN A 247 2.75 15.94 2.14
C GLN A 247 1.62 16.82 2.65
N ASN A 248 1.86 17.55 3.75
CA ASN A 248 0.83 18.41 4.30
C ASN A 248 0.49 19.57 3.38
N MET A 249 1.47 20.06 2.61
CA MET A 249 1.22 21.16 1.69
C MET A 249 0.20 20.75 0.62
N VAL A 250 0.46 19.64 -0.07
CA VAL A 250 -0.50 19.12 -1.05
C VAL A 250 -1.80 18.74 -0.37
N HIS A 251 -1.74 18.26 0.87
CA HIS A 251 -2.95 17.94 1.61
C HIS A 251 -3.77 19.19 1.89
N CYS A 252 -3.11 20.29 2.28
CA CYS A 252 -3.82 21.56 2.48
C CYS A 252 -4.38 22.07 1.16
N ALA A 253 -3.62 21.95 0.07
CA ALA A 253 -4.13 22.33 -1.23
C ALA A 253 -5.32 21.48 -1.65
N ASP A 254 -5.33 20.21 -1.25
CA ASP A 254 -6.48 19.34 -1.54
C ASP A 254 -7.72 19.82 -0.79
N LEU A 255 -7.56 20.30 0.43
CA LEU A 255 -8.65 20.81 1.25
C LEU A 255 -8.63 22.33 1.32
N SER A 256 -8.40 22.98 0.18
CA SER A 256 -8.24 24.43 0.10
C SER A 256 -9.52 25.16 -0.28
N ASN A 257 -10.58 24.45 -0.63
CA ASN A 257 -11.80 25.10 -1.09
C ASN A 257 -12.38 26.09 -0.07
N PRO A 258 -12.54 25.75 1.21
CA PRO A 258 -13.14 26.72 2.15
C PRO A 258 -12.25 27.92 2.45
N THR A 259 -11.00 27.94 1.99
CA THR A 259 -10.10 29.06 2.20
C THR A 259 -10.09 30.03 1.02
N LYS A 260 -10.77 29.70 -0.07
CA LYS A 260 -10.85 30.53 -1.25
C LYS A 260 -11.97 31.54 -1.13
N PRO A 261 -11.98 32.58 -1.97
CA PRO A 261 -13.12 33.51 -1.98
C PRO A 261 -14.44 32.78 -2.13
N LEU A 262 -15.50 33.37 -1.57
CA LEU A 262 -16.75 32.65 -1.37
C LEU A 262 -17.35 32.18 -2.69
N GLN A 263 -17.20 32.97 -3.75
CA GLN A 263 -17.80 32.59 -5.02
C GLN A 263 -17.15 31.33 -5.58
N LEU A 264 -15.89 31.06 -5.24
CA LEU A 264 -15.25 29.81 -5.63
C LEU A 264 -15.61 28.70 -4.67
N TYR A 265 -15.61 29.00 -3.36
CA TYR A 265 -15.93 28.01 -2.34
C TYR A 265 -17.32 27.41 -2.57
N ARG A 266 -18.32 28.26 -2.84
CA ARG A 266 -19.68 27.77 -3.01
C ARG A 266 -19.80 26.86 -4.22
N GLN A 267 -19.03 27.13 -5.27
CA GLN A 267 -19.07 26.25 -6.45
C GLN A 267 -18.46 24.89 -6.14
N TRP A 268 -17.37 24.86 -5.37
CA TRP A 268 -16.80 23.58 -4.95
C TRP A 268 -17.75 22.82 -4.04
N THR A 269 -18.49 23.55 -3.20
CA THR A 269 -19.45 22.90 -2.31
C THR A 269 -20.60 22.27 -3.09
N ASP A 270 -21.12 22.98 -4.09
CA ASP A 270 -22.18 22.42 -4.93
C ASP A 270 -21.71 21.18 -5.67
N ARG A 271 -20.43 21.15 -6.07
CA ARG A 271 -19.91 20.02 -6.84
C ARG A 271 -19.68 18.79 -5.97
N ILE A 272 -19.16 18.99 -4.75
CA ILE A 272 -18.92 17.84 -3.89
C ILE A 272 -20.24 17.27 -3.38
N MET A 273 -21.24 18.12 -3.14
CA MET A 273 -22.55 17.62 -2.73
C MET A 273 -23.23 16.87 -3.86
N GLU A 274 -23.03 17.33 -5.10
CA GLU A 274 -23.55 16.60 -6.25
C GLU A 274 -22.92 15.21 -6.34
N GLU A 275 -21.61 15.12 -6.11
CA GLU A 275 -20.94 13.82 -6.12
C GLU A 275 -21.40 12.95 -4.97
N PHE A 276 -21.60 13.55 -3.79
CA PHE A 276 -22.08 12.79 -2.64
C PHE A 276 -23.48 12.25 -2.88
N PHE A 277 -24.37 13.09 -3.43
CA PHE A 277 -25.74 12.66 -3.66
C PHE A 277 -25.82 11.52 -4.67
N ARG A 278 -24.98 11.57 -5.71
CA ARG A 278 -24.98 10.50 -6.70
C ARG A 278 -24.44 9.19 -6.12
N GLN A 279 -23.49 9.27 -5.19
CA GLN A 279 -23.03 8.06 -4.52
C GLN A 279 -24.13 7.49 -3.62
N GLY A 280 -24.83 8.35 -2.88
CA GLY A 280 -25.92 7.89 -2.07
C GLY A 280 -27.05 7.26 -2.87
N ASP A 281 -27.28 7.77 -4.09
CA ASP A 281 -28.26 7.16 -4.97
C ASP A 281 -27.82 5.76 -5.39
N ARG A 282 -26.54 5.59 -5.71
CA ARG A 282 -26.01 4.26 -5.97
C ARG A 282 -26.02 3.40 -4.72
N GLU A 283 -25.79 4.01 -3.55
CA GLU A 283 -25.93 3.28 -2.29
C GLU A 283 -27.37 2.88 -2.04
N ARG A 284 -28.34 3.67 -2.50
CA ARG A 284 -29.74 3.34 -2.30
C ARG A 284 -30.18 2.21 -3.22
N GLU A 285 -29.75 2.25 -4.49
CA GLU A 285 -30.10 1.21 -5.44
C GLU A 285 -29.45 -0.14 -5.13
N ARG A 286 -28.60 -0.21 -4.12
CA ARG A 286 -27.97 -1.45 -3.71
C ARG A 286 -28.44 -1.92 -2.33
N GLY A 287 -29.35 -1.19 -1.70
CA GLY A 287 -29.77 -1.52 -0.35
C GLY A 287 -28.74 -1.22 0.72
N MET A 288 -27.64 -0.57 0.37
CA MET A 288 -26.61 -0.25 1.35
C MET A 288 -27.08 0.90 2.25
N GLU A 289 -26.44 1.00 3.40
CA GLU A 289 -26.65 2.14 4.28
C GLU A 289 -26.06 3.39 3.64
N ILE A 290 -26.87 4.44 3.51
CA ILE A 290 -26.42 5.65 2.86
C ILE A 290 -25.33 6.30 3.69
N SER A 291 -24.20 6.62 3.04
CA SER A 291 -23.10 7.27 3.71
C SER A 291 -23.53 8.67 4.21
N PRO A 292 -22.87 9.18 5.25
CA PRO A 292 -23.21 10.52 5.74
C PRO A 292 -23.02 11.58 4.67
N MET A 293 -23.90 12.58 4.71
CA MET A 293 -23.88 13.72 3.79
C MET A 293 -24.07 13.32 2.34
N CYS A 294 -24.64 12.13 2.10
CA CYS A 294 -24.90 11.66 0.75
C CYS A 294 -26.37 11.39 0.46
N ASP A 295 -27.24 11.51 1.46
CA ASP A 295 -28.68 11.33 1.27
C ASP A 295 -29.27 12.66 0.80
N LYS A 296 -29.58 12.75 -0.50
CA LYS A 296 -30.11 14.00 -1.04
C LYS A 296 -31.54 14.27 -0.60
N HIS A 297 -32.17 13.36 0.14
CA HIS A 297 -33.51 13.62 0.65
C HIS A 297 -33.50 14.27 2.03
N ASN A 298 -32.46 14.01 2.85
CA ASN A 298 -32.33 14.53 4.21
C ASN A 298 -30.87 14.88 4.48
N ALA A 299 -30.37 15.94 3.84
CA ALA A 299 -29.00 16.41 4.06
C ALA A 299 -29.00 17.91 4.31
N SER A 300 -28.03 18.38 5.08
CA SER A 300 -27.85 19.80 5.40
C SER A 300 -26.49 20.22 4.86
N VAL A 301 -26.49 20.95 3.74
CA VAL A 301 -25.24 21.36 3.12
C VAL A 301 -24.50 22.36 4.02
N GLU A 302 -25.23 23.30 4.60
CA GLU A 302 -24.60 24.36 5.38
C GLU A 302 -23.99 23.82 6.67
N LYS A 303 -24.74 23.00 7.39
CA LYS A 303 -24.24 22.45 8.65
C LYS A 303 -23.05 21.52 8.42
N SER A 304 -23.03 20.82 7.29
CA SER A 304 -21.90 19.92 7.01
C SER A 304 -20.63 20.70 6.70
N GLN A 305 -20.75 21.83 6.01
CA GLN A 305 -19.57 22.64 5.71
C GLN A 305 -19.01 23.26 6.98
N VAL A 306 -19.87 23.69 7.90
CA VAL A 306 -19.39 24.24 9.18
C VAL A 306 -18.65 23.18 9.96
N GLY A 307 -19.23 21.97 10.03
CA GLY A 307 -18.54 20.87 10.69
C GLY A 307 -17.29 20.43 9.96
N PHE A 308 -17.30 20.52 8.62
CA PHE A 308 -16.10 20.21 7.85
C PHE A 308 -14.98 21.19 8.16
N ILE A 309 -15.32 22.47 8.32
CA ILE A 309 -14.31 23.48 8.63
C ILE A 309 -13.85 23.35 10.08
N ASP A 310 -14.80 23.20 11.01
CA ASP A 310 -14.47 23.24 12.43
C ASP A 310 -13.62 22.05 12.84
N TYR A 311 -13.87 20.88 12.25
CA TYR A 311 -13.21 19.66 12.71
C TYR A 311 -12.05 19.22 11.83
N ILE A 312 -11.91 19.77 10.62
CA ILE A 312 -10.88 19.29 9.70
C ILE A 312 -10.12 20.45 9.06
N VAL A 313 -10.82 21.30 8.34
CA VAL A 313 -10.16 22.30 7.50
C VAL A 313 -9.46 23.35 8.35
N HIS A 314 -10.17 23.90 9.35
CA HIS A 314 -9.53 24.91 10.19
C HIS A 314 -8.42 24.34 11.04
N PRO A 315 -8.58 23.19 11.72
CA PRO A 315 -7.42 22.63 12.46
C PRO A 315 -6.22 22.39 11.57
N LEU A 316 -6.43 21.94 10.34
CA LEU A 316 -5.31 21.71 9.43
C LEU A 316 -4.67 23.02 8.99
N TRP A 317 -5.48 23.99 8.56
CA TRP A 317 -4.94 25.24 8.05
C TRP A 317 -4.42 26.15 9.15
N GLU A 318 -5.00 26.06 10.35
CA GLU A 318 -4.44 26.81 11.48
C GLU A 318 -3.07 26.27 11.87
N THR A 319 -2.88 24.95 11.78
CA THR A 319 -1.57 24.37 12.05
C THR A 319 -0.57 24.76 10.98
N TRP A 320 -0.97 24.73 9.70
CA TRP A 320 -0.08 25.14 8.63
C TRP A 320 0.26 26.63 8.73
N ALA A 321 -0.72 27.45 9.13
CA ALA A 321 -0.46 28.87 9.31
C ALA A 321 0.58 29.11 10.40
N ASP A 322 0.52 28.32 11.48
CA ASP A 322 1.54 28.41 12.51
C ASP A 322 2.91 27.99 12.00
N LEU A 323 2.95 27.05 11.05
CA LEU A 323 4.23 26.60 10.50
C LEU A 323 4.89 27.70 9.66
N VAL A 324 4.10 28.53 8.98
CA VAL A 324 4.69 29.58 8.16
C VAL A 324 4.15 30.94 8.60
N HIS A 325 4.04 31.10 9.92
CA HIS A 325 3.55 32.35 10.50
C HIS A 325 4.45 33.50 10.08
N PRO A 326 3.89 34.63 9.59
CA PRO A 326 2.47 34.88 9.37
C PRO A 326 2.06 34.85 7.91
N ASP A 327 2.75 34.05 7.09
CA ASP A 327 2.55 34.11 5.64
C ASP A 327 1.17 33.67 5.21
N ALA A 328 0.47 32.87 6.02
CA ALA A 328 -0.83 32.33 5.65
C ALA A 328 -1.98 32.99 6.40
N GLN A 329 -1.78 34.21 6.92
CA GLN A 329 -2.81 34.85 7.72
C GLN A 329 -4.02 35.24 6.87
N ASP A 330 -3.78 35.74 5.66
CA ASP A 330 -4.89 36.15 4.80
C ASP A 330 -5.70 34.94 4.34
N ILE A 331 -5.04 33.81 4.10
CA ILE A 331 -5.76 32.57 3.77
C ILE A 331 -6.59 32.11 4.95
N LEU A 332 -6.02 32.17 6.16
CA LEU A 332 -6.75 31.75 7.34
C LEU A 332 -7.92 32.68 7.63
N ASP A 333 -7.75 33.98 7.36
CA ASP A 333 -8.84 34.93 7.58
C ASP A 333 -10.00 34.68 6.63
N THR A 334 -9.70 34.32 5.38
CA THR A 334 -10.75 34.00 4.43
C THR A 334 -11.52 32.75 4.85
N LEU A 335 -10.80 31.74 5.35
CA LEU A 335 -11.45 30.52 5.83
C LEU A 335 -12.39 30.84 6.99
N GLU A 336 -11.92 31.63 7.96
CA GLU A 336 -12.77 31.99 9.10
C GLU A 336 -13.92 32.90 8.69
N ASP A 337 -13.71 33.73 7.65
CA ASP A 337 -14.81 34.53 7.12
C ASP A 337 -15.84 33.65 6.45
N ASN A 338 -15.40 32.67 5.67
CA ASN A 338 -16.34 31.76 5.01
C ASN A 338 -17.07 30.88 6.01
N ARG A 339 -16.41 30.50 7.10
CA ARG A 339 -17.07 29.70 8.13
C ARG A 339 -18.21 30.48 8.77
N GLU A 340 -17.98 31.76 9.07
CA GLU A 340 -18.98 32.66 9.64
C GLU A 340 -20.17 32.85 8.72
N TRP A 341 -19.89 32.89 7.42
CA TRP A 341 -20.95 33.11 6.44
C TRP A 341 -21.85 31.88 6.34
N TYR A 342 -21.24 30.70 6.15
CA TYR A 342 -22.02 29.47 6.12
C TYR A 342 -22.79 29.27 7.43
N GLN A 343 -22.21 29.69 8.55
CA GLN A 343 -22.91 29.59 9.83
C GLN A 343 -24.12 30.53 9.87
N SER A 344 -24.00 31.71 9.28
CA SER A 344 -25.08 32.69 9.32
C SER A 344 -26.28 32.26 8.50
N THR A 345 -26.10 31.33 7.55
CA THR A 345 -27.21 30.84 6.74
C THR A 345 -28.05 29.78 7.44
N ILE A 346 -27.62 29.32 8.61
CA ILE A 346 -28.29 28.23 9.32
C ILE A 346 -29.51 28.75 10.09
N PRO A 347 -29.39 29.84 10.90
CA PRO A 347 -30.60 30.28 11.60
C PRO A 347 -31.66 30.84 10.65
N GLN B 24 0.64 -45.76 -3.19
CA GLN B 24 0.78 -44.35 -3.51
C GLN B 24 -0.24 -43.50 -2.71
N GLU B 25 -1.53 -43.69 -3.03
CA GLU B 25 -2.61 -43.05 -2.26
C GLU B 25 -2.59 -43.44 -0.79
N ASP B 26 -2.11 -44.65 -0.45
CA ASP B 26 -2.01 -45.00 0.96
C ASP B 26 -0.61 -44.80 1.52
N VAL B 27 0.39 -44.60 0.67
CA VAL B 27 1.63 -44.01 1.15
C VAL B 27 1.38 -42.55 1.49
N LEU B 28 0.73 -41.83 0.59
CA LEU B 28 0.30 -40.48 0.90
C LEU B 28 -0.53 -40.45 2.18
N ALA B 29 -1.50 -41.36 2.31
CA ALA B 29 -2.37 -41.37 3.48
C ALA B 29 -1.58 -41.37 4.78
N LYS B 30 -0.56 -42.23 4.87
CA LYS B 30 0.24 -42.35 6.08
C LYS B 30 1.29 -41.24 6.21
N GLU B 31 1.72 -40.65 5.10
CA GLU B 31 2.56 -39.46 5.16
C GLU B 31 1.79 -38.32 5.81
N LEU B 32 0.54 -38.12 5.39
CA LEU B 32 -0.27 -37.04 5.93
C LEU B 32 -0.55 -37.21 7.41
N GLU B 33 -0.27 -38.39 7.97
CA GLU B 33 -0.64 -38.63 9.37
C GLU B 33 0.16 -37.75 10.33
N ASP B 34 1.29 -37.20 9.90
CA ASP B 34 2.14 -36.36 10.73
C ASP B 34 1.95 -34.87 10.45
N VAL B 35 0.76 -34.45 9.99
CA VAL B 35 0.48 -33.04 9.73
C VAL B 35 0.69 -32.17 10.96
N ASN B 36 0.57 -32.73 12.16
CA ASN B 36 0.81 -31.99 13.39
C ASN B 36 2.26 -32.11 13.88
N LYS B 37 3.16 -32.61 13.04
CA LYS B 37 4.55 -32.85 13.38
C LYS B 37 5.46 -31.89 12.62
N TRP B 38 6.42 -31.31 13.34
CA TRP B 38 7.42 -30.41 12.76
C TRP B 38 8.45 -31.25 12.00
N GLY B 39 8.31 -31.31 10.68
CA GLY B 39 9.21 -32.09 9.86
C GLY B 39 8.49 -33.01 8.90
N LEU B 40 7.36 -32.53 8.39
CA LEU B 40 6.56 -33.33 7.45
C LEU B 40 7.30 -33.52 6.14
N HIS B 41 7.18 -34.72 5.57
CA HIS B 41 7.81 -35.05 4.29
C HIS B 41 6.99 -34.43 3.15
N VAL B 42 7.13 -33.11 3.03
CA VAL B 42 6.34 -32.35 2.08
C VAL B 42 6.74 -32.66 0.65
N PHE B 43 8.03 -32.96 0.42
CA PHE B 43 8.47 -33.24 -0.95
C PHE B 43 7.95 -34.58 -1.44
N ARG B 44 7.97 -35.60 -0.58
CA ARG B 44 7.36 -36.88 -0.95
C ARG B 44 5.86 -36.72 -1.17
N ILE B 45 5.18 -36.00 -0.25
CA ILE B 45 3.75 -35.74 -0.41
C ILE B 45 3.47 -35.03 -1.73
N ALA B 46 4.38 -34.17 -2.17
CA ALA B 46 4.18 -33.47 -3.43
C ALA B 46 4.14 -34.43 -4.61
N GLU B 47 5.16 -35.28 -4.73
CA GLU B 47 5.19 -36.24 -5.84
C GLU B 47 4.18 -37.36 -5.63
N LEU B 48 3.89 -37.72 -4.37
CA LEU B 48 2.87 -38.73 -4.10
C LEU B 48 1.47 -38.23 -4.46
N SER B 49 1.28 -36.91 -4.51
CA SER B 49 -0.03 -36.32 -4.76
C SER B 49 -0.18 -35.79 -6.18
N GLY B 50 0.70 -36.16 -7.10
CA GLY B 50 0.62 -35.63 -8.45
C GLY B 50 0.90 -34.15 -8.53
N ASN B 51 1.91 -33.68 -7.81
CA ASN B 51 2.25 -32.25 -7.74
C ASN B 51 1.07 -31.42 -7.24
N ARG B 52 0.38 -31.91 -6.21
CA ARG B 52 -0.68 -31.17 -5.55
C ARG B 52 -0.54 -31.27 -4.03
N PRO B 53 0.61 -30.83 -3.47
CA PRO B 53 0.74 -30.90 -2.01
C PRO B 53 -0.08 -29.85 -1.29
N LEU B 54 -0.26 -28.66 -1.89
CA LEU B 54 -1.05 -27.61 -1.24
C LEU B 54 -2.50 -28.04 -1.07
N THR B 55 -3.04 -28.76 -2.05
CA THR B 55 -4.44 -29.19 -1.98
C THR B 55 -4.63 -30.24 -0.90
N VAL B 56 -3.74 -31.24 -0.85
CA VAL B 56 -3.93 -32.35 0.09
C VAL B 56 -3.58 -31.94 1.51
N ILE B 57 -2.70 -30.96 1.69
CA ILE B 57 -2.32 -30.54 3.04
C ILE B 57 -3.35 -29.58 3.62
N MET B 58 -3.77 -28.60 2.83
CA MET B 58 -4.85 -27.70 3.28
C MET B 58 -6.11 -28.48 3.62
N HIS B 59 -6.47 -29.46 2.81
CA HIS B 59 -7.65 -30.29 3.08
C HIS B 59 -7.49 -31.00 4.42
N THR B 60 -6.41 -31.78 4.57
CA THR B 60 -6.22 -32.56 5.79
C THR B 60 -6.17 -31.67 7.03
N ILE B 61 -5.63 -30.46 6.89
CA ILE B 61 -5.61 -29.53 8.02
C ILE B 61 -7.00 -29.02 8.34
N PHE B 62 -7.81 -28.74 7.30
CA PHE B 62 -9.18 -28.29 7.53
C PHE B 62 -10.00 -29.37 8.22
N GLN B 63 -9.79 -30.62 7.84
CA GLN B 63 -10.46 -31.72 8.53
C GLN B 63 -9.92 -31.91 9.93
N GLU B 64 -8.62 -31.65 10.14
CA GLU B 64 -8.02 -31.82 11.46
C GLU B 64 -8.50 -30.74 12.43
N ARG B 65 -8.69 -29.54 11.96
CA ARG B 65 -9.13 -28.49 12.85
C ARG B 65 -10.63 -28.33 12.85
N ASP B 66 -11.32 -29.14 12.03
CA ASP B 66 -12.77 -29.14 11.94
C ASP B 66 -13.28 -27.79 11.41
N LEU B 67 -12.64 -27.30 10.34
CA LEU B 67 -12.99 -26.00 9.76
C LEU B 67 -14.08 -26.10 8.70
N LEU B 68 -14.17 -27.23 8.00
CA LEU B 68 -15.22 -27.43 7.01
C LEU B 68 -16.61 -27.29 7.62
N LYS B 69 -16.84 -28.01 8.73
CA LYS B 69 -18.13 -27.95 9.41
C LYS B 69 -18.30 -26.66 10.21
N THR B 70 -17.24 -26.16 10.84
CA THR B 70 -17.33 -24.95 11.64
C THR B 70 -17.68 -23.73 10.79
N PHE B 71 -17.40 -23.76 9.49
CA PHE B 71 -17.71 -22.62 8.63
C PHE B 71 -18.58 -23.01 7.46
N LYS B 72 -19.24 -24.18 7.54
CA LYS B 72 -20.13 -24.67 6.49
C LYS B 72 -19.49 -24.53 5.11
N ILE B 73 -18.27 -25.06 4.99
CA ILE B 73 -17.50 -25.01 3.75
C ILE B 73 -17.79 -26.29 2.96
N PRO B 74 -18.50 -26.21 1.84
CA PRO B 74 -18.67 -27.40 1.01
C PRO B 74 -17.32 -28.00 0.65
N VAL B 75 -17.18 -29.30 0.91
CA VAL B 75 -15.89 -29.96 0.67
C VAL B 75 -15.46 -29.82 -0.77
N ASP B 76 -16.40 -29.97 -1.70
CA ASP B 76 -16.08 -29.84 -3.12
C ASP B 76 -15.54 -28.45 -3.44
N THR B 77 -16.28 -27.41 -3.05
CA THR B 77 -15.84 -26.04 -3.30
C THR B 77 -14.46 -25.78 -2.72
N LEU B 78 -14.13 -26.42 -1.59
CA LEU B 78 -12.77 -26.33 -1.06
C LEU B 78 -11.76 -26.98 -2.00
N ILE B 79 -12.16 -28.05 -2.69
CA ILE B 79 -11.24 -28.71 -3.62
C ILE B 79 -11.03 -27.87 -4.86
N THR B 80 -12.13 -27.37 -5.44
CA THR B 80 -12.03 -26.62 -6.69
C THR B 80 -11.22 -25.34 -6.52
N TYR B 81 -11.28 -24.71 -5.33
CA TYR B 81 -10.49 -23.51 -5.11
C TYR B 81 -9.02 -23.83 -4.85
N LEU B 82 -8.76 -24.85 -4.02
CA LEU B 82 -7.39 -25.23 -3.73
C LEU B 82 -6.64 -25.71 -4.97
N MET B 83 -7.37 -26.19 -5.98
CA MET B 83 -6.72 -26.62 -7.22
C MET B 83 -6.40 -25.45 -8.13
N THR B 84 -7.34 -24.51 -8.30
CA THR B 84 -7.04 -23.34 -9.11
C THR B 84 -6.09 -22.40 -8.40
N LEU B 85 -6.07 -22.41 -7.07
CA LEU B 85 -5.06 -21.67 -6.33
C LEU B 85 -3.68 -22.30 -6.53
N GLU B 86 -3.61 -23.63 -6.53
CA GLU B 86 -2.35 -24.31 -6.74
C GLU B 86 -1.85 -24.15 -8.17
N ASP B 87 -2.77 -24.10 -9.14
CA ASP B 87 -2.36 -23.94 -10.54
C ASP B 87 -1.74 -22.57 -10.78
N HIS B 88 -2.15 -21.56 -10.03
CA HIS B 88 -1.60 -20.22 -10.20
C HIS B 88 -0.24 -20.05 -9.52
N TYR B 89 0.25 -21.08 -8.83
CA TYR B 89 1.64 -21.11 -8.41
C TYR B 89 2.50 -21.64 -9.56
N HIS B 90 3.56 -20.91 -9.87
CA HIS B 90 4.36 -21.24 -11.04
C HIS B 90 5.11 -22.56 -10.82
N ALA B 91 5.05 -23.45 -11.81
CA ALA B 91 5.75 -24.72 -11.72
C ALA B 91 7.21 -24.62 -12.12
N ASP B 92 7.58 -23.60 -12.89
CA ASP B 92 8.94 -23.42 -13.35
C ASP B 92 9.79 -22.57 -12.41
N VAL B 93 9.30 -22.29 -11.20
CA VAL B 93 10.07 -21.59 -10.18
C VAL B 93 10.48 -22.61 -9.12
N ALA B 94 11.73 -22.49 -8.65
CA ALA B 94 12.31 -23.54 -7.83
C ALA B 94 11.81 -23.49 -6.39
N TYR B 95 11.68 -22.29 -5.82
CA TYR B 95 11.32 -22.14 -4.42
C TYR B 95 9.88 -21.68 -4.26
N HIS B 96 9.56 -20.45 -4.63
CA HIS B 96 8.23 -19.89 -4.39
C HIS B 96 7.17 -20.54 -5.26
N ASN B 97 6.90 -21.83 -5.03
CA ASN B 97 5.89 -22.56 -5.78
C ASN B 97 4.85 -23.16 -4.84
N ASN B 98 4.14 -24.18 -5.32
CA ASN B 98 3.07 -24.78 -4.51
C ASN B 98 3.63 -25.56 -3.32
N ILE B 99 4.84 -26.12 -3.46
CA ILE B 99 5.42 -26.86 -2.35
C ILE B 99 5.76 -25.93 -1.19
N HIS B 100 6.29 -24.75 -1.50
CA HIS B 100 6.56 -23.76 -0.47
C HIS B 100 5.28 -23.30 0.21
N ALA B 101 4.21 -23.10 -0.57
CA ALA B 101 2.93 -22.71 0.01
C ALA B 101 2.39 -23.81 0.92
N ALA B 102 2.57 -25.07 0.53
CA ALA B 102 2.11 -26.17 1.38
C ALA B 102 2.94 -26.26 2.66
N ASP B 103 4.23 -25.96 2.57
CA ASP B 103 5.10 -26.06 3.75
C ASP B 103 4.78 -25.00 4.78
N VAL B 104 4.47 -23.77 4.33
CA VAL B 104 4.12 -22.71 5.27
C VAL B 104 2.75 -22.96 5.88
N VAL B 105 1.83 -23.55 5.11
CA VAL B 105 0.51 -23.87 5.64
C VAL B 105 0.63 -24.88 6.78
N GLN B 106 1.36 -25.97 6.55
CA GLN B 106 1.48 -27.01 7.58
C GLN B 106 2.22 -26.49 8.80
N SER B 107 3.20 -25.61 8.60
CA SER B 107 3.98 -25.12 9.73
C SER B 107 3.19 -24.14 10.58
N THR B 108 2.44 -23.23 9.94
CA THR B 108 1.54 -22.35 10.70
C THR B 108 0.52 -23.17 11.48
N HIS B 109 0.04 -24.27 10.90
CA HIS B 109 -0.89 -25.13 11.60
C HIS B 109 -0.28 -25.73 12.86
N VAL B 110 1.03 -26.01 12.84
CA VAL B 110 1.69 -26.54 14.01
C VAL B 110 1.91 -25.44 15.05
N LEU B 111 2.32 -24.26 14.60
CA LEU B 111 2.53 -23.16 15.53
C LEU B 111 1.22 -22.68 16.17
N LEU B 112 0.08 -22.94 15.52
CA LEU B 112 -1.20 -22.62 16.14
C LEU B 112 -1.50 -23.59 17.28
N SER B 113 -1.10 -24.85 17.16
CA SER B 113 -1.30 -25.85 18.20
C SER B 113 -0.27 -25.75 19.32
N THR B 114 0.48 -24.65 19.39
CA THR B 114 1.44 -24.48 20.46
C THR B 114 0.71 -24.39 21.80
N PRO B 115 1.14 -25.13 22.82
CA PRO B 115 0.43 -25.10 24.10
C PRO B 115 0.35 -23.71 24.74
N ALA B 116 1.38 -22.87 24.57
CA ALA B 116 1.35 -21.55 25.19
C ALA B 116 0.36 -20.59 24.53
N LEU B 117 -0.34 -21.02 23.49
CA LEU B 117 -1.34 -20.19 22.83
C LEU B 117 -2.64 -20.96 22.63
N ALA B 119 -6.44 -22.51 22.49
CA ALA B 119 -7.25 -21.81 21.51
C ALA B 119 -7.29 -20.31 21.81
N VAL B 120 -6.10 -19.72 21.96
CA VAL B 120 -6.01 -18.29 22.22
C VAL B 120 -6.65 -17.49 21.08
N PHE B 121 -6.53 -17.97 19.85
CA PHE B 121 -7.17 -17.32 18.71
C PHE B 121 -8.51 -17.97 18.42
N THR B 122 -9.42 -17.17 17.87
CA THR B 122 -10.76 -17.66 17.56
C THR B 122 -10.71 -18.61 16.36
N ASP B 123 -11.87 -19.21 16.04
CA ASP B 123 -11.96 -20.08 14.89
C ASP B 123 -11.76 -19.31 13.59
N LEU B 124 -12.21 -18.05 13.54
CA LEU B 124 -11.98 -17.23 12.35
C LEU B 124 -10.54 -16.78 12.26
N GLU B 125 -9.92 -16.47 13.41
CA GLU B 125 -8.50 -16.09 13.40
C GLU B 125 -7.61 -17.25 12.99
N ILE B 126 -8.03 -18.49 13.29
CA ILE B 126 -7.28 -19.64 12.83
C ILE B 126 -7.46 -19.84 11.33
N LEU B 127 -8.69 -19.72 10.83
CA LEU B 127 -8.94 -19.88 9.41
C LEU B 127 -8.26 -18.80 8.59
N ALA B 128 -8.14 -17.59 9.14
CA ALA B 128 -7.47 -16.51 8.43
C ALA B 128 -5.97 -16.78 8.30
N ALA B 129 -5.33 -17.25 9.38
CA ALA B 129 -3.90 -17.53 9.34
C ALA B 129 -3.58 -18.70 8.42
N ILE B 130 -4.47 -19.69 8.34
CA ILE B 130 -4.24 -20.82 7.45
C ILE B 130 -4.51 -20.44 6.00
N PHE B 131 -5.57 -19.66 5.76
CA PHE B 131 -5.86 -19.23 4.39
C PHE B 131 -4.81 -18.27 3.88
N ALA B 132 -4.31 -17.37 4.74
CA ALA B 132 -3.26 -16.45 4.34
C ALA B 132 -1.98 -17.20 3.97
N SER B 133 -1.69 -18.30 4.68
CA SER B 133 -0.50 -19.09 4.38
C SER B 133 -0.58 -19.72 3.00
N ALA B 134 -1.79 -20.11 2.57
CA ALA B 134 -1.93 -20.81 1.30
C ALA B 134 -1.77 -19.88 0.11
N ILE B 135 -2.11 -18.59 0.27
CA ILE B 135 -2.08 -17.63 -0.82
C ILE B 135 -0.92 -16.67 -0.72
N HIS B 136 -0.05 -16.81 0.29
CA HIS B 136 0.94 -15.80 0.60
C HIS B 136 2.00 -15.62 -0.50
N ASP B 137 2.08 -16.54 -1.47
CA ASP B 137 3.07 -16.40 -2.53
C ASP B 137 2.51 -16.78 -3.90
N VAL B 138 1.19 -16.69 -4.09
CA VAL B 138 0.59 -17.15 -5.34
C VAL B 138 1.01 -16.24 -6.49
N ASP B 139 1.24 -16.85 -7.66
CA ASP B 139 1.68 -16.15 -8.86
C ASP B 139 3.03 -15.47 -8.67
N HIS B 140 3.90 -16.08 -7.86
CA HIS B 140 5.24 -15.54 -7.66
C HIS B 140 6.09 -15.78 -8.89
N PRO B 141 6.68 -14.74 -9.49
CA PRO B 141 7.49 -14.94 -10.71
C PRO B 141 8.92 -15.37 -10.46
N GLY B 142 9.30 -15.63 -9.21
CA GLY B 142 10.65 -16.05 -8.91
C GLY B 142 11.67 -14.94 -8.77
N VAL B 143 11.23 -13.69 -8.68
CA VAL B 143 12.13 -12.55 -8.51
C VAL B 143 11.67 -11.74 -7.31
N SER B 144 12.60 -10.94 -6.77
CA SER B 144 12.34 -10.19 -5.56
C SER B 144 11.60 -8.89 -5.87
N ASN B 145 11.17 -8.22 -4.80
CA ASN B 145 10.52 -6.92 -4.95
C ASN B 145 11.48 -5.89 -5.54
N GLN B 146 12.72 -5.89 -5.07
CA GLN B 146 13.70 -4.92 -5.56
C GLN B 146 13.99 -5.13 -7.04
N PHE B 147 13.98 -6.39 -7.49
CA PHE B 147 14.14 -6.65 -8.92
C PHE B 147 12.98 -6.09 -9.71
N LEU B 148 11.75 -6.31 -9.24
CA LEU B 148 10.58 -5.77 -9.93
C LEU B 148 10.57 -4.25 -9.92
N ILE B 149 11.11 -3.63 -8.88
CA ILE B 149 11.16 -2.18 -8.82
C ILE B 149 12.22 -1.63 -9.77
N ASN B 150 13.41 -2.22 -9.74
CA ASN B 150 14.51 -1.72 -10.55
C ASN B 150 14.33 -2.00 -12.03
N THR B 151 13.49 -2.97 -12.40
CA THR B 151 13.23 -3.28 -13.79
C THR B 151 12.01 -2.55 -14.34
N ASN B 152 11.39 -1.67 -13.55
CA ASN B 152 10.20 -0.93 -13.96
C ASN B 152 9.09 -1.89 -14.41
N SER B 153 8.86 -2.92 -13.60
CA SER B 153 7.87 -3.93 -13.91
C SER B 153 6.46 -3.35 -13.87
N GLU B 154 5.54 -4.05 -14.54
CA GLU B 154 4.13 -3.68 -14.46
C GLU B 154 3.58 -3.84 -13.06
N LEU B 155 4.08 -4.84 -12.32
CA LEU B 155 3.63 -5.05 -10.94
C LEU B 155 4.07 -3.90 -10.05
N ALA B 156 5.34 -3.51 -10.14
CA ALA B 156 5.83 -2.39 -9.33
C ALA B 156 5.16 -1.09 -9.72
N LEU B 157 4.87 -0.90 -11.02
CA LEU B 157 4.14 0.28 -11.45
C LEU B 157 2.72 0.27 -10.89
N MET B 158 2.11 -0.91 -10.77
N MET B 158 2.11 -0.91 -10.77
CA MET B 158 0.74 -0.99 -10.27
CA MET B 158 0.74 -0.99 -10.27
C MET B 158 0.68 -0.72 -8.77
C MET B 158 0.68 -0.72 -8.77
N TYR B 159 1.64 -1.24 -8.01
CA TYR B 159 1.62 -1.16 -6.56
C TYR B 159 2.58 -0.14 -5.97
N ASN B 160 3.16 0.73 -6.81
CA ASN B 160 3.93 1.88 -6.33
C ASN B 160 5.09 1.47 -5.43
N ASP B 161 5.80 0.40 -5.83
CA ASP B 161 7.04 -0.05 -5.21
C ASP B 161 6.88 -0.48 -3.75
N SER B 162 5.65 -0.58 -3.24
CA SER B 162 5.41 -0.88 -1.83
C SER B 162 4.81 -2.29 -1.72
N SER B 163 5.60 -3.22 -1.20
CA SER B 163 5.17 -4.61 -1.01
C SER B 163 4.52 -5.15 -2.28
N VAL B 164 5.26 -5.03 -3.38
CA VAL B 164 4.70 -5.29 -4.71
C VAL B 164 4.19 -6.73 -4.80
N LEU B 165 5.04 -7.70 -4.46
CA LEU B 165 4.64 -9.10 -4.55
C LEU B 165 3.51 -9.42 -3.59
N GLU B 166 3.64 -8.97 -2.34
CA GLU B 166 2.66 -9.33 -1.31
C GLU B 166 1.27 -8.80 -1.64
N ASN B 167 1.20 -7.58 -2.17
CA ASN B 167 -0.09 -7.05 -2.63
C ASN B 167 -0.63 -7.88 -3.78
N HIS B 168 0.25 -8.34 -4.67
CA HIS B 168 -0.19 -9.16 -5.80
C HIS B 168 -0.67 -10.54 -5.35
N HIS B 169 0.04 -11.15 -4.39
CA HIS B 169 -0.38 -12.44 -3.86
C HIS B 169 -1.78 -12.35 -3.28
N LEU B 170 -2.07 -11.29 -2.53
CA LEU B 170 -3.40 -11.13 -1.94
C LEU B 170 -4.45 -10.95 -3.02
N ALA B 171 -4.20 -10.07 -3.98
CA ALA B 171 -5.18 -9.79 -5.03
C ALA B 171 -5.54 -11.03 -5.81
N VAL B 172 -4.53 -11.82 -6.20
CA VAL B 172 -4.80 -13.05 -6.94
C VAL B 172 -5.51 -14.06 -6.04
N GLY B 173 -5.08 -14.17 -4.79
CA GLY B 173 -5.70 -15.13 -3.89
C GLY B 173 -7.18 -14.87 -3.65
N PHE B 174 -7.55 -13.59 -3.53
CA PHE B 174 -8.96 -13.25 -3.32
C PHE B 174 -9.75 -13.34 -4.62
N LYS B 175 -9.13 -12.99 -5.74
CA LYS B 175 -9.85 -13.00 -7.02
C LYS B 175 -10.23 -14.41 -7.45
N LEU B 176 -9.41 -15.40 -7.11
CA LEU B 176 -9.73 -16.78 -7.46
C LEU B 176 -10.97 -17.29 -6.73
N LEU B 177 -11.35 -16.66 -5.61
CA LEU B 177 -12.57 -17.06 -4.91
C LEU B 177 -13.81 -16.79 -5.76
N GLN B 178 -13.74 -15.83 -6.68
CA GLN B 178 -14.87 -15.47 -7.51
C GLN B 178 -15.03 -16.39 -8.72
N GLU B 179 -14.22 -17.44 -8.83
CA GLU B 179 -14.32 -18.37 -9.95
C GLU B 179 -15.43 -19.38 -9.70
N GLU B 180 -15.62 -20.27 -10.67
CA GLU B 180 -16.71 -21.25 -10.60
C GLU B 180 -16.51 -22.18 -9.41
N ASN B 181 -17.45 -22.12 -8.46
CA ASN B 181 -17.48 -22.99 -7.29
C ASN B 181 -16.12 -22.98 -6.56
N CYS B 182 -15.71 -21.79 -6.14
CA CYS B 182 -14.48 -21.65 -5.38
C CYS B 182 -14.60 -20.72 -4.20
N ASP B 183 -15.76 -20.08 -3.99
CA ASP B 183 -15.97 -19.22 -2.83
C ASP B 183 -16.18 -20.10 -1.60
N ILE B 184 -15.06 -20.51 -1.01
CA ILE B 184 -15.11 -21.33 0.20
C ILE B 184 -15.66 -20.56 1.39
N PHE B 185 -15.76 -19.23 1.28
CA PHE B 185 -16.36 -18.38 2.30
C PHE B 185 -17.78 -17.97 1.94
N GLN B 186 -18.49 -18.81 1.17
CA GLN B 186 -19.82 -18.46 0.69
C GLN B 186 -20.83 -18.40 1.83
N ASN B 187 -20.70 -19.27 2.82
CA ASN B 187 -21.64 -19.33 3.93
C ASN B 187 -21.13 -18.67 5.19
N LEU B 188 -20.06 -17.89 5.09
CA LEU B 188 -19.69 -17.01 6.19
C LEU B 188 -20.53 -15.75 6.15
N THR B 189 -20.82 -15.22 7.34
CA THR B 189 -21.54 -13.97 7.42
C THR B 189 -20.68 -12.83 6.88
N LYS B 190 -21.35 -11.74 6.50
CA LYS B 190 -20.65 -10.62 5.89
C LYS B 190 -19.64 -10.00 6.85
N LYS B 191 -19.98 -9.94 8.14
CA LYS B 191 -19.02 -9.42 9.12
C LYS B 191 -17.84 -10.36 9.28
N GLN B 192 -18.06 -11.67 9.16
CA GLN B 192 -16.95 -12.61 9.22
C GLN B 192 -16.08 -12.54 7.96
N ARG B 193 -16.71 -12.30 6.80
CA ARG B 193 -15.95 -12.19 5.56
C ARG B 193 -15.04 -10.97 5.56
N GLN B 194 -15.54 -9.85 6.10
CA GLN B 194 -14.72 -8.64 6.15
C GLN B 194 -13.64 -8.75 7.22
N SER B 195 -13.95 -9.38 8.35
CA SER B 195 -12.93 -9.59 9.39
C SER B 195 -11.85 -10.54 8.91
N LEU B 196 -12.23 -11.57 8.15
CA LEU B 196 -11.25 -12.49 7.59
C LEU B 196 -10.40 -11.80 6.54
N ARG B 197 -11.03 -11.06 5.63
CA ARG B 197 -10.29 -10.36 4.58
C ARG B 197 -9.29 -9.38 5.19
N LYS B 198 -9.69 -8.65 6.23
CA LYS B 198 -8.78 -7.71 6.88
C LYS B 198 -7.60 -8.43 7.51
N MET B 199 -7.86 -9.56 8.18
CA MET B 199 -6.78 -10.28 8.85
C MET B 199 -5.85 -10.95 7.84
N VAL B 200 -6.41 -11.51 6.77
CA VAL B 200 -5.58 -12.12 5.72
C VAL B 200 -4.67 -11.08 5.09
N ILE B 201 -5.20 -9.88 4.84
CA ILE B 201 -4.40 -8.81 4.26
C ILE B 201 -3.27 -8.42 5.22
N ASP B 202 -3.61 -8.22 6.49
CA ASP B 202 -2.61 -7.82 7.47
C ASP B 202 -1.52 -8.88 7.64
N ILE B 203 -1.85 -10.15 7.43
CA ILE B 203 -0.88 -11.22 7.60
C ILE B 203 0.05 -11.32 6.40
N VAL B 204 -0.52 -11.38 5.20
CA VAL B 204 0.30 -11.58 4.00
C VAL B 204 1.19 -10.36 3.75
N LEU B 205 0.67 -9.16 4.02
CA LEU B 205 1.50 -7.96 3.89
C LEU B 205 2.69 -8.00 4.84
N ALA B 206 2.54 -8.68 5.98
CA ALA B 206 3.65 -8.80 6.93
C ALA B 206 4.71 -9.79 6.45
N THR B 207 4.40 -10.62 5.46
CA THR B 207 5.40 -11.52 4.92
C THR B 207 6.46 -10.81 4.08
N ASP B 208 6.27 -9.52 3.82
CA ASP B 208 7.30 -8.71 3.16
C ASP B 208 8.56 -8.71 4.01
N MET B 209 9.67 -9.16 3.41
CA MET B 209 10.92 -9.26 4.15
C MET B 209 11.47 -7.90 4.54
N SER B 210 11.04 -6.82 3.88
CA SER B 210 11.49 -5.49 4.25
C SER B 210 10.92 -5.04 5.59
N LYS B 211 9.89 -5.72 6.08
CA LYS B 211 9.27 -5.41 7.37
C LYS B 211 9.69 -6.37 8.46
N HIS B 212 10.76 -7.15 8.25
CA HIS B 212 11.18 -8.15 9.22
C HIS B 212 11.67 -7.51 10.51
N MET B 213 12.49 -6.47 10.41
CA MET B 213 13.07 -5.86 11.60
C MET B 213 12.00 -5.23 12.48
N ASN B 214 11.08 -4.47 11.87
CA ASN B 214 10.01 -3.86 12.64
C ASN B 214 9.09 -4.91 13.25
N LEU B 215 8.81 -5.98 12.50
CA LEU B 215 7.98 -7.05 13.03
C LEU B 215 8.68 -7.79 14.15
N LEU B 216 10.01 -7.89 14.11
CA LEU B 216 10.76 -8.55 15.17
C LEU B 216 10.92 -7.64 16.38
N ALA B 217 11.17 -6.34 16.15
CA ALA B 217 11.28 -5.41 17.26
C ALA B 217 9.99 -5.35 18.06
N ASP B 218 8.85 -5.33 17.37
CA ASP B 218 7.57 -5.36 18.08
C ASP B 218 7.34 -6.70 18.76
N LEU B 219 7.89 -7.78 18.22
CA LEU B 219 7.82 -9.07 18.90
C LEU B 219 8.69 -9.07 20.16
N LYS B 220 9.83 -8.36 20.12
CA LYS B 220 10.70 -8.30 21.28
C LYS B 220 10.09 -7.46 22.41
N THR B 221 9.31 -6.44 22.07
CA THR B 221 8.65 -5.69 23.13
C THR B 221 7.45 -6.44 23.69
N MET B 222 6.81 -7.28 22.89
CA MET B 222 5.73 -8.11 23.40
C MET B 222 6.23 -9.07 24.47
N VAL B 223 7.39 -9.69 24.23
CA VAL B 223 7.94 -10.62 25.22
C VAL B 223 8.46 -9.86 26.43
N GLU B 224 8.87 -8.60 26.24
CA GLU B 224 9.30 -7.77 27.37
C GLU B 224 8.12 -7.25 28.18
N THR B 225 6.91 -7.31 27.63
CA THR B 225 5.68 -6.95 28.34
C THR B 225 4.71 -8.13 28.38
N LYS B 226 5.24 -9.34 28.30
CA LYS B 226 4.39 -10.53 28.20
C LYS B 226 3.61 -10.74 29.49
N LYS B 227 2.33 -11.11 29.34
CA LYS B 227 1.45 -11.42 30.46
C LYS B 227 0.82 -12.78 30.20
N VAL B 228 1.07 -13.73 31.10
CA VAL B 228 0.64 -15.10 30.94
C VAL B 228 -0.20 -15.51 32.17
N THR B 229 -0.80 -16.68 32.07
CA THR B 229 -1.53 -17.26 33.20
C THR B 229 -0.56 -17.83 34.22
N GLY B 232 1.41 -21.69 31.68
CA GLY B 232 1.30 -20.24 31.52
C GLY B 232 0.87 -19.83 30.12
N VAL B 233 -0.41 -20.02 29.82
CA VAL B 233 -0.93 -19.66 28.51
C VAL B 233 -0.92 -18.15 28.36
N LEU B 234 -0.51 -17.69 27.19
CA LEU B 234 -0.32 -16.27 26.95
C LEU B 234 -1.65 -15.55 26.78
N LEU B 235 -1.70 -14.30 27.22
CA LEU B 235 -2.93 -13.51 27.23
C LEU B 235 -2.79 -12.30 26.32
N LEU B 236 -3.50 -12.33 25.19
CA LEU B 236 -3.67 -11.19 24.30
C LEU B 236 -5.13 -10.75 24.31
N ASP B 237 -5.36 -9.45 24.45
CA ASP B 237 -6.70 -8.90 24.59
C ASP B 237 -7.16 -8.06 23.40
N ASN B 238 -6.29 -7.24 22.84
CA ASN B 238 -6.67 -6.35 21.75
C ASN B 238 -6.28 -6.96 20.41
N TYR B 239 -6.91 -6.44 19.34
CA TYR B 239 -6.66 -6.98 18.01
C TYR B 239 -5.22 -6.74 17.57
N SER B 240 -4.66 -5.58 17.91
CA SER B 240 -3.33 -5.25 17.42
C SER B 240 -2.26 -6.17 18.00
N ASP B 241 -2.50 -6.73 19.18
CA ASP B 241 -1.55 -7.69 19.75
C ASP B 241 -1.75 -9.08 19.16
N ARG B 242 -3.01 -9.47 18.92
CA ARG B 242 -3.28 -10.80 18.38
C ARG B 242 -2.88 -10.90 16.92
N ILE B 243 -3.21 -9.88 16.12
CA ILE B 243 -2.79 -9.88 14.72
C ILE B 243 -1.27 -9.79 14.62
N GLN B 244 -0.63 -9.19 15.62
CA GLN B 244 0.83 -9.12 15.62
C GLN B 244 1.45 -10.50 15.81
N VAL B 245 0.85 -11.32 16.67
CA VAL B 245 1.35 -12.68 16.85
C VAL B 245 1.10 -13.51 15.60
N LEU B 246 -0.08 -13.37 14.99
CA LEU B 246 -0.37 -14.09 13.75
C LEU B 246 0.58 -13.66 12.64
N GLN B 247 0.93 -12.38 12.60
CA GLN B 247 1.89 -11.91 11.60
C GLN B 247 3.24 -12.56 11.78
N ASN B 248 3.76 -12.55 13.01
CA ASN B 248 5.04 -13.18 13.29
C ASN B 248 4.97 -14.69 13.15
N MET B 249 3.80 -15.28 13.38
CA MET B 249 3.65 -16.73 13.26
C MET B 249 3.83 -17.18 11.82
N VAL B 250 3.05 -16.61 10.90
CA VAL B 250 3.21 -16.94 9.49
C VAL B 250 4.57 -16.51 8.97
N HIS B 251 5.11 -15.43 9.52
CA HIS B 251 6.47 -15.02 9.17
C HIS B 251 7.49 -16.06 9.64
N CYS B 252 7.26 -16.63 10.83
CA CYS B 252 8.13 -17.70 11.32
C CYS B 252 8.06 -18.93 10.43
N ALA B 253 6.85 -19.30 10.00
CA ALA B 253 6.71 -20.45 9.12
C ALA B 253 7.24 -20.18 7.72
N ASP B 254 7.16 -18.92 7.27
CA ASP B 254 7.78 -18.55 6.00
C ASP B 254 9.29 -18.73 6.06
N LEU B 255 9.89 -18.52 7.22
CA LEU B 255 11.33 -18.68 7.43
C LEU B 255 11.60 -19.90 8.30
N SER B 256 10.91 -21.00 8.05
CA SER B 256 11.03 -22.21 8.87
C SER B 256 11.89 -23.29 8.23
N ASN B 257 12.50 -23.02 7.06
CA ASN B 257 13.34 -24.03 6.42
C ASN B 257 14.54 -24.41 7.27
N PRO B 258 15.34 -23.49 7.84
CA PRO B 258 16.49 -23.91 8.66
C PRO B 258 16.11 -24.57 9.97
N THR B 259 14.82 -24.64 10.31
CA THR B 259 14.38 -25.27 11.55
C THR B 259 13.86 -26.69 11.35
N LYS B 260 13.66 -27.12 10.12
CA LYS B 260 13.19 -28.47 9.83
C LYS B 260 14.37 -29.43 9.79
N PRO B 261 14.12 -30.76 9.73
CA PRO B 261 15.21 -31.72 9.59
C PRO B 261 16.17 -31.39 8.45
N LEU B 262 17.40 -31.88 8.54
CA LEU B 262 18.45 -31.46 7.62
C LEU B 262 18.13 -31.85 6.18
N GLN B 263 17.57 -33.04 5.97
CA GLN B 263 17.25 -33.48 4.62
C GLN B 263 16.20 -32.58 3.97
N LEU B 264 15.35 -31.94 4.78
CA LEU B 264 14.39 -30.97 4.26
C LEU B 264 15.05 -29.62 4.05
N TYR B 265 15.85 -29.17 5.03
CA TYR B 265 16.54 -27.89 4.94
C TYR B 265 17.41 -27.81 3.70
N ARG B 266 18.20 -28.86 3.45
CA ARG B 266 19.11 -28.84 2.31
C ARG B 266 18.37 -28.75 0.98
N GLN B 267 17.18 -29.35 0.89
CA GLN B 267 16.41 -29.27 -0.35
C GLN B 267 15.89 -27.85 -0.57
N TRP B 268 15.44 -27.18 0.49
CA TRP B 268 14.99 -25.81 0.37
C TRP B 268 16.15 -24.87 0.03
N THR B 269 17.34 -25.16 0.53
CA THR B 269 18.51 -24.35 0.21
C THR B 269 18.85 -24.45 -1.27
N ASP B 270 18.80 -25.66 -1.83
CA ASP B 270 19.09 -25.83 -3.25
C ASP B 270 18.07 -25.08 -4.11
N ARG B 271 16.82 -25.05 -3.67
CA ARG B 271 15.77 -24.41 -4.47
C ARG B 271 15.84 -22.90 -4.40
N ILE B 272 16.14 -22.34 -3.22
CA ILE B 272 16.22 -20.88 -3.11
C ILE B 272 17.47 -20.36 -3.79
N MET B 273 18.56 -21.11 -3.77
CA MET B 273 19.77 -20.69 -4.48
C MET B 273 19.60 -20.82 -5.98
N GLU B 274 18.86 -21.83 -6.43
CA GLU B 274 18.54 -21.93 -7.85
C GLU B 274 17.71 -20.74 -8.32
N GLU B 275 16.84 -20.22 -7.46
CA GLU B 275 16.05 -19.04 -7.81
C GLU B 275 16.89 -17.78 -7.77
N PHE B 276 17.78 -17.67 -6.79
CA PHE B 276 18.67 -16.50 -6.73
C PHE B 276 19.60 -16.45 -7.93
N PHE B 277 20.13 -17.62 -8.34
CA PHE B 277 21.01 -17.66 -9.49
C PHE B 277 20.26 -17.31 -10.78
N ARG B 278 19.01 -17.78 -10.90
CA ARG B 278 18.21 -17.44 -12.07
C ARG B 278 17.94 -15.94 -12.13
N GLN B 279 17.65 -15.32 -10.99
CA GLN B 279 17.51 -13.87 -10.96
C GLN B 279 18.85 -13.19 -11.24
N GLY B 280 19.93 -13.70 -10.64
CA GLY B 280 21.25 -13.17 -10.93
C GLY B 280 21.63 -13.31 -12.39
N ASP B 281 21.17 -14.38 -13.05
CA ASP B 281 21.37 -14.51 -14.49
C ASP B 281 20.58 -13.45 -15.24
N ARG B 282 19.33 -13.19 -14.82
CA ARG B 282 18.53 -12.18 -15.48
C ARG B 282 19.06 -10.78 -15.21
N GLU B 283 19.65 -10.54 -14.03
CA GLU B 283 20.22 -9.24 -13.74
C GLU B 283 21.46 -8.97 -14.59
N ARG B 284 22.30 -9.99 -14.79
CA ARG B 284 23.56 -9.78 -15.50
C ARG B 284 23.36 -9.65 -17.01
N GLU B 285 22.35 -10.31 -17.57
CA GLU B 285 22.05 -10.17 -18.99
C GLU B 285 21.30 -8.87 -19.30
N ARG B 286 21.00 -8.05 -18.30
CA ARG B 286 20.52 -6.69 -18.50
C ARG B 286 21.53 -5.63 -18.07
N GLY B 287 22.64 -6.03 -17.46
CA GLY B 287 23.57 -5.06 -16.94
C GLY B 287 23.19 -4.45 -15.60
N MET B 288 22.11 -4.91 -14.98
CA MET B 288 21.82 -4.45 -13.64
C MET B 288 22.77 -5.12 -12.64
N GLU B 289 22.93 -4.47 -11.49
CA GLU B 289 23.79 -4.99 -10.44
C GLU B 289 23.36 -6.41 -10.06
N ILE B 290 24.36 -7.28 -9.87
CA ILE B 290 24.10 -8.62 -9.38
C ILE B 290 23.87 -8.53 -7.88
N SER B 291 22.62 -8.65 -7.45
CA SER B 291 22.32 -8.54 -6.04
C SER B 291 23.03 -9.66 -5.27
N PRO B 292 23.31 -9.44 -3.98
CA PRO B 292 24.06 -10.44 -3.21
C PRO B 292 23.38 -11.79 -3.22
N MET B 293 24.20 -12.84 -3.11
CA MET B 293 23.76 -14.25 -3.10
C MET B 293 23.12 -14.68 -4.40
N CYS B 294 23.30 -13.92 -5.49
CA CYS B 294 22.66 -14.24 -6.76
C CYS B 294 23.65 -14.54 -7.88
N ASP B 295 24.96 -14.49 -7.62
CA ASP B 295 25.95 -14.67 -8.67
C ASP B 295 26.28 -16.15 -8.80
N LYS B 296 25.69 -16.80 -9.82
CA LYS B 296 26.19 -18.02 -10.44
C LYS B 296 27.61 -18.38 -10.04
N HIS B 297 28.55 -17.54 -10.45
CA HIS B 297 29.97 -17.84 -10.44
C HIS B 297 30.70 -17.30 -9.22
N ASN B 298 29.99 -16.60 -8.32
CA ASN B 298 30.59 -16.00 -7.13
C ASN B 298 29.52 -16.02 -6.04
N ALA B 299 29.44 -17.14 -5.33
CA ALA B 299 28.50 -17.29 -4.23
C ALA B 299 28.92 -18.46 -3.34
N SER B 300 28.89 -18.25 -2.02
CA SER B 300 29.15 -19.33 -1.07
C SER B 300 27.83 -19.67 -0.41
N VAL B 301 27.23 -20.78 -0.86
CA VAL B 301 25.90 -21.16 -0.40
C VAL B 301 25.91 -21.42 1.10
N GLU B 302 26.98 -22.03 1.61
CA GLU B 302 27.02 -22.45 3.01
C GLU B 302 27.23 -21.27 3.95
N LYS B 303 28.15 -20.36 3.60
CA LYS B 303 28.36 -19.19 4.43
C LYS B 303 27.14 -18.27 4.44
N SER B 304 26.40 -18.24 3.33
CA SER B 304 25.19 -17.42 3.29
C SER B 304 24.10 -18.01 4.19
N GLN B 305 23.99 -19.34 4.23
CA GLN B 305 22.99 -19.96 5.09
C GLN B 305 23.30 -19.74 6.56
N VAL B 306 24.58 -19.79 6.93
CA VAL B 306 24.98 -19.50 8.31
C VAL B 306 24.68 -18.05 8.65
N GLY B 307 24.99 -17.14 7.74
CA GLY B 307 24.67 -15.74 7.97
C GLY B 307 23.18 -15.47 7.98
N PHE B 308 22.43 -16.19 7.13
CA PHE B 308 20.97 -16.04 7.13
C PHE B 308 20.36 -16.51 8.44
N ILE B 309 20.98 -17.50 9.08
CA ILE B 309 20.48 -17.97 10.37
C ILE B 309 20.90 -17.02 11.49
N ASP B 310 22.18 -16.61 11.49
CA ASP B 310 22.70 -15.82 12.60
C ASP B 310 22.04 -14.44 12.68
N TYR B 311 21.62 -13.88 11.55
CA TYR B 311 21.11 -12.52 11.53
C TYR B 311 19.59 -12.42 11.35
N ILE B 312 18.94 -13.45 10.84
CA ILE B 312 17.52 -13.37 10.52
C ILE B 312 16.73 -14.48 11.20
N VAL B 313 17.07 -15.74 10.88
CA VAL B 313 16.22 -16.86 11.29
C VAL B 313 16.32 -17.09 12.79
N HIS B 314 17.54 -17.17 13.33
CA HIS B 314 17.70 -17.46 14.75
C HIS B 314 17.26 -16.31 15.64
N PRO B 315 17.60 -15.05 15.34
CA PRO B 315 17.05 -13.95 16.16
C PRO B 315 15.53 -13.93 16.16
N LEU B 316 14.90 -14.27 15.03
CA LEU B 316 13.44 -14.32 14.98
C LEU B 316 12.90 -15.51 15.77
N TRP B 317 13.50 -16.69 15.56
CA TRP B 317 13.00 -17.89 16.22
C TRP B 317 13.35 -17.94 17.70
N GLU B 318 14.43 -17.26 18.12
CA GLU B 318 14.73 -17.21 19.55
C GLU B 318 13.80 -16.25 20.28
N THR B 319 13.39 -15.17 19.61
CA THR B 319 12.38 -14.28 20.20
C THR B 319 11.02 -14.96 20.25
N TRP B 320 10.69 -15.71 19.20
CA TRP B 320 9.47 -16.50 19.22
C TRP B 320 9.54 -17.62 20.25
N ALA B 321 10.74 -18.17 20.48
CA ALA B 321 10.89 -19.19 21.50
C ALA B 321 10.60 -18.64 22.89
N ASP B 322 11.04 -17.41 23.17
CA ASP B 322 10.82 -16.80 24.47
C ASP B 322 9.35 -16.48 24.71
N LEU B 323 8.56 -16.29 23.63
CA LEU B 323 7.15 -15.95 23.80
C LEU B 323 6.32 -17.17 24.17
N VAL B 324 6.68 -18.35 23.65
CA VAL B 324 6.00 -19.58 24.02
C VAL B 324 6.96 -20.49 24.80
N HIS B 325 7.83 -19.88 25.60
CA HIS B 325 8.79 -20.64 26.39
C HIS B 325 8.07 -21.65 27.25
N PRO B 326 8.48 -22.94 27.25
CA PRO B 326 9.53 -23.53 26.40
C PRO B 326 9.00 -24.40 25.26
N ASP B 327 7.90 -23.98 24.63
CA ASP B 327 7.26 -24.83 23.63
C ASP B 327 8.07 -24.92 22.35
N ALA B 328 8.90 -23.91 22.06
CA ALA B 328 9.71 -23.88 20.85
C ALA B 328 11.16 -24.24 21.10
N GLN B 329 11.44 -24.98 22.17
CA GLN B 329 12.82 -25.35 22.48
C GLN B 329 13.36 -26.37 21.49
N ASP B 330 12.53 -27.36 21.11
CA ASP B 330 12.97 -28.36 20.15
C ASP B 330 13.27 -27.75 18.80
N ILE B 331 12.42 -26.83 18.34
CA ILE B 331 12.63 -26.21 17.04
C ILE B 331 13.88 -25.33 17.08
N LEU B 332 14.09 -24.60 18.18
CA LEU B 332 15.31 -23.81 18.31
C LEU B 332 16.54 -24.69 18.40
N ASP B 333 16.41 -25.90 18.95
CA ASP B 333 17.53 -26.83 18.98
C ASP B 333 17.87 -27.33 17.58
N THR B 334 16.84 -27.72 16.82
CA THR B 334 17.07 -28.16 15.44
C THR B 334 17.67 -27.05 14.61
N LEU B 335 17.26 -25.81 14.85
CA LEU B 335 17.83 -24.68 14.13
C LEU B 335 19.31 -24.50 14.47
N GLU B 336 19.65 -24.60 15.76
CA GLU B 336 21.05 -24.51 16.15
C GLU B 336 21.86 -25.70 15.65
N ASP B 337 21.21 -26.87 15.52
CA ASP B 337 21.89 -28.03 14.96
C ASP B 337 22.28 -27.80 13.50
N ASN B 338 21.32 -27.31 12.70
CA ASN B 338 21.59 -27.09 11.28
C ASN B 338 22.58 -25.95 11.07
N ARG B 339 22.56 -24.94 11.94
CA ARG B 339 23.57 -23.89 11.88
C ARG B 339 24.96 -24.46 12.12
N GLU B 340 25.08 -25.39 13.06
CA GLU B 340 26.37 -26.01 13.34
C GLU B 340 26.82 -26.89 12.19
N TRP B 341 25.87 -27.61 11.56
CA TRP B 341 26.24 -28.50 10.45
C TRP B 341 26.66 -27.69 9.23
N TYR B 342 25.90 -26.66 8.87
CA TYR B 342 26.27 -25.84 7.72
C TYR B 342 27.60 -25.13 7.95
N GLN B 343 27.88 -24.74 9.20
CA GLN B 343 29.19 -24.17 9.51
C GLN B 343 30.29 -25.21 9.33
N SER B 344 30.00 -26.47 9.63
CA SER B 344 31.00 -27.52 9.48
C SER B 344 31.32 -27.79 8.02
N THR B 345 30.38 -27.51 7.12
CA THR B 345 30.63 -27.68 5.69
C THR B 345 31.54 -26.60 5.13
N ILE B 346 31.90 -25.60 5.93
CA ILE B 346 32.81 -24.54 5.51
C ILE B 346 34.22 -24.94 5.93
N PRO B 347 35.14 -25.16 4.98
CA PRO B 347 36.53 -25.59 5.24
C PRO B 347 37.27 -24.68 6.21
C4 VIC C . -16.29 16.85 2.27
C14 VIC C . -15.72 13.95 2.68
C5 VIC C . -15.28 16.20 1.51
C6 VIC C . -14.54 16.94 0.55
C11 VIC C . -16.30 22.32 -0.06
C7 VIC C . -14.99 14.81 1.68
C8 VIC C . -13.33 14.94 0.04
C9 VIC C . -13.54 16.26 -0.19
C10 VIC C . -15.56 21.03 0.01
C12 VIC C . -18.34 18.23 3.68
C13 VIC C . -19.50 17.68 2.89
N1 VIC C . -14.03 14.20 0.96
C3 VIC C . -16.55 18.18 2.07
C1 VIC C . -14.83 18.32 0.38
C15 VIC C . -14.92 13.75 3.94
C16 VIC C . -13.66 13.17 3.87
C17 VIC C . -12.89 12.98 5.02
C18 VIC C . -13.39 13.37 6.25
C19 VIC C . -14.66 13.95 6.34
C2 VIC C . -15.80 18.92 1.12
C20 VIC C . -15.42 14.14 5.19
C21 VIC C . -16.42 14.13 7.99
C22 VIC C . -16.48 14.29 9.48
C23 VIC C . -11.44 12.60 7.41
C24 VIC C . -11.10 12.19 8.81
O1 VIC C . -16.16 20.23 1.03
O2 VIC C . -17.48 18.90 2.75
O3 VIC C . -15.04 14.29 7.62
O4 VIC C . -12.73 13.22 7.44
MG MG D . -8.04 12.18 -3.68
ZN ZN E . -8.22 15.68 -4.36
C1 EDO F . -17.97 36.61 3.29
O1 EDO F . -17.26 37.64 4.00
C2 EDO F . -17.26 35.28 3.51
O2 EDO F . -15.90 35.40 3.09
C4 VIC G . 16.70 -16.47 1.64
C14 VIC G . 15.55 -13.86 0.69
C5 VIC G . 15.30 -16.28 1.54
C6 VIC G . 14.44 -17.35 1.89
C11 VIC G . 17.03 -22.16 3.35
C7 VIC G . 14.71 -15.04 1.10
C8 VIC G . 12.57 -15.94 1.34
C9 VIC G . 13.03 -17.14 1.77
C10 VIC G . 16.20 -21.08 2.77
C12 VIC G . 19.47 -16.88 1.96
C13 VIC G . 20.83 -17.39 2.32
N1 VIC G . 13.38 -14.89 1.00
C3 VIC G . 17.21 -17.65 2.06
C1 VIC G . 14.99 -18.58 2.32
C15 VIC G . 16.23 -13.11 1.82
C16 VIC G . 17.60 -12.96 1.84
C17 VIC G . 18.24 -12.27 2.85
C18 VIC G . 17.50 -11.72 3.89
C19 VIC G . 16.10 -11.86 3.90
C2 VIC G . 16.34 -18.73 2.42
C20 VIC G . 15.48 -12.55 2.86
C21 VIC G . 15.53 -9.93 5.24
C22 VIC G . 15.32 -9.15 3.98
C23 VIC G . 19.51 -11.00 4.97
C24 VIC G . 19.90 -9.62 5.44
O1 VIC G . 16.97 -19.87 2.80
O2 VIC G . 18.54 -17.94 2.20
O3 VIC G . 15.39 -11.32 4.94
O4 VIC G . 18.08 -11.04 4.93
MG MG H . 6.47 -14.03 -0.19
ZN ZN I . 6.95 -17.34 1.18
#